data_4MOI
#
_entry.id   4MOI
#
_cell.length_a   101.504
_cell.length_b   101.504
_cell.length_c   238.672
_cell.angle_alpha   90.00
_cell.angle_beta   90.00
_cell.angle_gamma   90.00
#
_symmetry.space_group_name_H-M   'P 41 21 2'
#
loop_
_entity.id
_entity.type
_entity.pdbx_description
1 polymer 'Pyranose 2-oxidase'
2 non-polymer 'DIHYDROFLAVINE-ADENINE DINUCLEOTIDE'
3 non-polymer 3-deoxy-3-fluoro-beta-D-glucopyranose
4 water water
#
_entity_poly.entity_id   1
_entity_poly.type   'polypeptide(L)'
_entity_poly.pdbx_seq_one_letter_code
;MATSSSDPFFNFAKSSFRSAAAQKASASSLPPLPGPDKKVPGMDIKYDVVIVGSGPIGCTYARELVGAGYKVAMFDIGEI
DSGLKIGAHKKNTVEYQKNIDKFVNVIQGQLMSVSVPVNTLVVDTLSPTSWQASTFFVRNGSNPEQDPLRNLSGQAVTRV
VGGMSTHWTCATPRFDREQRPLLVKDDADADDAEWDRLYTKAESYFQTGTDQFKESIRHNLVLNKLTEEYKGQRDFQQIP
LAATRRSPTFVEWSSANTVFDLQNRPNTDAPEERFNLFPAVACERVVRNALNSEIESLHIHDLISGDRFEIKADVYVLTA
GAVHNTQLLVNSGFGQLGRPNPANPPELLPSLGSYITEQSLVFCQTVMSTELIDSVKSDMTIRGTPGELTYSVTYTPGAS
TNKHPDWWNEKVKNHMMQHQEDPLPIPFEDPEPQVTTLFQPSHPWHTQIGRDAFSYGAVQQSIDSRLIVDWRFFGRTEPK
EENKLWFSDKITDAYNMPQPTFDFRFPAGRTSKEAEDMMTDMCVMSAKIGGFLPGSLPQFMEPGLCLHLGGTHRMGFDEK
EDNCCVNTDSRVFGFKNLFLGGCGNIPTAYGANPTLTAMSLAIKSCEYIKQNFTPSPFTSEAAAALEHHHHHH
;
_entity_poly.pdbx_strand_id   A,B
#
loop_
_chem_comp.id
_chem_comp.type
_chem_comp.name
_chem_comp.formula
FDA non-polymer 'DIHYDROFLAVINE-ADENINE DINUCLEOTIDE' 'C27 H35 N9 O15 P2'
G3F D-saccharide, beta linking 3-deoxy-3-fluoro-beta-D-glucopyranose 'C6 H11 F O5'
#
# COMPACT_ATOMS: atom_id res chain seq x y z
N MET A 43 -6.60 -29.57 0.83
CA MET A 43 -5.57 -29.95 -0.21
C MET A 43 -5.43 -31.44 -0.49
N ASP A 44 -5.80 -31.91 -1.70
CA ASP A 44 -5.46 -33.29 -2.17
C ASP A 44 -4.10 -33.30 -2.85
N ILE A 45 -3.61 -34.51 -3.13
CA ILE A 45 -2.38 -34.71 -3.88
C ILE A 45 -2.63 -34.90 -5.42
N LYS A 46 -3.88 -35.11 -5.85
CA LYS A 46 -4.18 -35.35 -7.27
C LYS A 46 -5.34 -34.46 -7.74
N TYR A 47 -5.04 -33.55 -8.68
CA TYR A 47 -6.07 -32.80 -9.39
C TYR A 47 -6.04 -33.08 -10.91
N ASP A 48 -7.06 -32.67 -11.62
CA ASP A 48 -7.05 -32.75 -13.09
C ASP A 48 -6.09 -31.70 -13.68
N VAL A 49 -6.25 -30.46 -13.22
CA VAL A 49 -5.47 -29.28 -13.61
C VAL A 49 -4.86 -28.52 -12.43
N VAL A 50 -3.54 -28.29 -12.48
CA VAL A 50 -2.89 -27.33 -11.53
C VAL A 50 -2.47 -26.04 -12.26
N ILE A 51 -2.77 -24.88 -11.63
CA ILE A 51 -2.50 -23.54 -12.13
C ILE A 51 -1.56 -22.82 -11.14
N VAL A 52 -0.39 -22.37 -11.65
CA VAL A 52 0.61 -21.71 -10.85
C VAL A 52 0.38 -20.20 -11.14
N GLY A 53 -0.13 -19.46 -10.16
CA GLY A 53 -0.45 -18.02 -10.34
C GLY A 53 -1.94 -17.75 -10.37
N SER A 54 -2.39 -16.75 -9.57
CA SER A 54 -3.77 -16.32 -9.52
C SER A 54 -3.97 -14.93 -10.08
N GLY A 55 -3.07 -14.52 -10.97
CA GLY A 55 -3.33 -13.33 -11.71
C GLY A 55 -4.47 -13.60 -12.70
N PRO A 56 -4.77 -12.64 -13.56
CA PRO A 56 -5.89 -12.66 -14.45
C PRO A 56 -5.73 -13.70 -15.54
N ILE A 57 -4.50 -13.94 -15.98
CA ILE A 57 -4.23 -15.09 -16.90
C ILE A 57 -4.42 -16.49 -16.19
N GLY A 58 -3.77 -16.79 -15.07
CA GLY A 58 -4.22 -18.00 -14.27
C GLY A 58 -5.73 -18.06 -14.03
N CYS A 59 -6.36 -16.95 -13.63
CA CYS A 59 -7.86 -16.94 -13.57
C CYS A 59 -8.59 -17.08 -14.87
N THR A 60 -7.96 -16.80 -16.01
CA THR A 60 -8.60 -17.13 -17.28
C THR A 60 -8.62 -18.65 -17.40
N TYR A 61 -7.48 -19.30 -17.13
CA TYR A 61 -7.52 -20.74 -17.12
C TYR A 61 -8.47 -21.25 -16.09
N ALA A 62 -8.55 -20.67 -14.87
CA ALA A 62 -9.49 -21.20 -13.86
C ALA A 62 -10.95 -21.03 -14.35
N ARG A 63 -11.26 -19.91 -14.95
CA ARG A 63 -12.65 -19.70 -15.36
C ARG A 63 -13.12 -20.77 -16.36
N GLU A 64 -12.27 -21.03 -17.33
CA GLU A 64 -12.63 -21.86 -18.46
C GLU A 64 -12.64 -23.29 -17.99
N LEU A 65 -11.66 -23.69 -17.18
CA LEU A 65 -11.58 -25.10 -16.76
C LEU A 65 -12.46 -25.47 -15.54
N VAL A 66 -12.56 -24.61 -14.53
CA VAL A 66 -13.50 -24.83 -13.44
C VAL A 66 -14.88 -24.88 -14.07
N GLY A 67 -15.11 -24.14 -15.13
CA GLY A 67 -16.42 -24.09 -15.75
C GLY A 67 -16.76 -25.33 -16.52
N ALA A 68 -15.75 -25.86 -17.22
CA ALA A 68 -15.92 -27.07 -18.01
C ALA A 68 -15.90 -28.30 -17.09
N GLY A 69 -15.87 -28.14 -15.77
CA GLY A 69 -15.99 -29.27 -14.84
C GLY A 69 -14.71 -30.05 -14.54
N TYR A 70 -13.56 -29.41 -14.61
CA TYR A 70 -12.34 -30.04 -14.10
C TYR A 70 -12.08 -29.79 -12.61
N LYS A 71 -11.34 -30.72 -12.00
CA LYS A 71 -10.85 -30.62 -10.62
C LYS A 71 -9.58 -29.76 -10.66
N VAL A 72 -9.72 -28.52 -10.20
CA VAL A 72 -8.71 -27.49 -10.42
C VAL A 72 -8.10 -27.11 -9.11
N ALA A 73 -6.79 -27.12 -9.14
CA ALA A 73 -6.01 -26.47 -8.11
C ALA A 73 -5.23 -25.26 -8.66
N MET A 74 -5.14 -24.23 -7.81
CA MET A 74 -4.35 -23.03 -8.08
C MET A 74 -3.49 -22.62 -6.88
N PHE A 75 -2.21 -22.40 -7.16
CA PHE A 75 -1.21 -21.98 -6.17
C PHE A 75 -0.70 -20.56 -6.46
N ASP A 76 -0.60 -19.78 -5.40
CA ASP A 76 0.05 -18.50 -5.49
C ASP A 76 1.03 -18.37 -4.33
N ILE A 77 2.21 -17.84 -4.66
CA ILE A 77 3.34 -17.64 -3.70
C ILE A 77 2.92 -16.56 -2.75
N GLY A 78 2.13 -15.61 -3.28
CA GLY A 78 1.46 -14.60 -2.47
C GLY A 78 0.16 -14.97 -1.77
N GLU A 79 -0.37 -13.97 -1.06
CA GLU A 79 -1.47 -14.12 -0.13
C GLU A 79 -2.75 -13.35 -0.46
N ILE A 80 -3.85 -13.74 0.15
CA ILE A 80 -5.08 -12.99 0.07
C ILE A 80 -5.04 -11.72 0.91
N ASP A 81 -5.25 -10.56 0.32
CA ASP A 81 -5.39 -9.24 1.01
C ASP A 81 -6.56 -8.26 0.60
N SER A 82 -6.85 -8.11 -0.69
CA SER A 82 -7.93 -7.21 -1.23
C SER A 82 -9.36 -7.27 -0.63
N GLY A 83 -9.58 -7.72 0.59
CA GLY A 83 -10.97 -7.74 1.09
C GLY A 83 -11.68 -9.05 0.78
N LEU A 84 -13.01 -9.07 0.88
CA LEU A 84 -13.77 -10.33 0.81
C LEU A 84 -13.84 -10.89 -0.60
N LYS A 85 -13.68 -10.01 -1.58
CA LYS A 85 -13.59 -10.42 -2.96
C LYS A 85 -12.16 -10.75 -3.31
N ILE A 86 -11.89 -12.02 -3.45
CA ILE A 86 -10.55 -12.51 -3.54
C ILE A 86 -9.95 -12.16 -4.93
N GLY A 87 -8.76 -11.55 -4.90
CA GLY A 87 -8.03 -11.12 -6.12
C GLY A 87 -8.62 -9.87 -6.74
N ALA A 88 -9.44 -9.13 -5.98
CA ALA A 88 -10.11 -7.96 -6.50
C ALA A 88 -9.24 -6.74 -6.62
N HIS A 89 -9.69 -5.77 -7.42
CA HIS A 89 -8.89 -4.52 -7.55
C HIS A 89 -8.87 -3.70 -6.28
N LYS A 90 -7.68 -3.38 -5.80
CA LYS A 90 -7.47 -2.66 -4.54
C LYS A 90 -8.04 -1.21 -4.54
N LYS A 91 -8.19 -0.65 -5.72
CA LYS A 91 -8.65 0.75 -5.95
C LYS A 91 -10.18 0.86 -5.84
N ASN A 92 -10.87 -0.29 -5.71
CA ASN A 92 -12.37 -0.32 -5.59
C ASN A 92 -12.92 -0.02 -4.21
N THR A 93 -12.09 0.35 -3.24
CA THR A 93 -12.62 0.80 -1.94
C THR A 93 -13.15 2.25 -2.03
N VAL A 94 -14.17 2.61 -1.23
CA VAL A 94 -14.71 3.99 -1.18
C VAL A 94 -13.62 5.01 -0.89
N GLU A 95 -12.73 4.60 0.01
CA GLU A 95 -11.64 5.45 0.47
C GLU A 95 -10.64 5.81 -0.69
N TYR A 96 -10.25 4.85 -1.52
CA TYR A 96 -9.43 5.17 -2.66
C TYR A 96 -10.15 5.94 -3.75
N GLN A 97 -11.44 5.71 -3.92
CA GLN A 97 -12.22 6.41 -4.94
C GLN A 97 -12.35 7.88 -4.52
N LYS A 98 -12.23 8.16 -3.22
CA LYS A 98 -12.25 9.54 -2.67
C LYS A 98 -10.87 10.11 -2.46
N ASN A 99 -9.81 9.35 -2.76
CA ASN A 99 -8.44 9.83 -2.56
C ASN A 99 -7.59 9.18 -3.59
N ILE A 100 -7.89 9.40 -4.86
CA ILE A 100 -7.19 8.67 -5.97
C ILE A 100 -5.68 8.84 -5.88
N ASP A 101 -5.28 10.01 -5.36
CA ASP A 101 -3.86 10.37 -5.18
C ASP A 101 -3.05 9.44 -4.29
N LYS A 102 -3.69 8.78 -3.35
CA LYS A 102 -3.05 7.83 -2.42
C LYS A 102 -2.69 6.50 -2.98
N PHE A 103 -3.36 6.08 -4.07
CA PHE A 103 -3.28 4.70 -4.53
C PHE A 103 -1.88 4.39 -5.15
N VAL A 104 -1.13 5.40 -5.62
CA VAL A 104 0.33 5.26 -5.98
C VAL A 104 1.11 4.49 -4.96
N ASN A 105 0.78 4.67 -3.71
CA ASN A 105 1.44 3.92 -2.59
C ASN A 105 1.15 2.43 -2.52
N VAL A 106 -0.08 2.04 -2.84
CA VAL A 106 -0.45 0.67 -2.91
C VAL A 106 0.35 0.00 -4.03
N ILE A 107 0.45 0.68 -5.18
CA ILE A 107 1.22 0.18 -6.32
C ILE A 107 2.69 -0.06 -5.90
N GLN A 108 3.32 0.99 -5.39
CA GLN A 108 4.75 0.93 -5.00
C GLN A 108 4.96 -0.14 -3.90
N GLY A 109 4.00 -0.31 -3.02
CA GLY A 109 4.05 -1.36 -2.01
C GLY A 109 4.16 -2.78 -2.49
N GLN A 110 3.78 -3.04 -3.75
CA GLN A 110 3.80 -4.35 -4.25
C GLN A 110 4.56 -4.52 -5.56
N LEU A 111 5.49 -3.60 -5.85
CA LEU A 111 6.35 -3.79 -6.98
C LEU A 111 7.76 -4.07 -6.41
N MET A 112 8.11 -5.34 -6.42
CA MET A 112 9.43 -5.74 -5.95
C MET A 112 10.39 -5.87 -7.08
N SER A 113 11.46 -5.06 -7.08
CA SER A 113 12.39 -5.04 -8.16
C SER A 113 12.90 -6.44 -8.51
N VAL A 114 13.12 -6.69 -9.80
CA VAL A 114 13.48 -8.03 -10.21
C VAL A 114 15.01 -8.24 -10.07
N SER A 115 15.80 -7.27 -10.53
CA SER A 115 17.27 -7.36 -10.48
C SER A 115 17.85 -5.95 -10.15
N VAL A 116 18.38 -5.77 -8.94
CA VAL A 116 18.99 -4.50 -8.50
C VAL A 116 20.50 -4.64 -8.63
N PRO A 117 21.12 -3.83 -9.47
CA PRO A 117 22.50 -4.00 -9.50
C PRO A 117 23.22 -3.41 -8.30
N VAL A 118 24.50 -3.72 -8.25
CA VAL A 118 25.33 -3.24 -7.18
C VAL A 118 25.49 -1.72 -7.32
N ASN A 119 25.30 -1.06 -6.19
CA ASN A 119 25.37 0.40 -6.10
C ASN A 119 26.81 0.93 -6.09
N THR A 120 27.08 1.97 -6.84
CA THR A 120 28.45 2.54 -6.76
C THR A 120 28.38 4.05 -6.38
N LEU A 121 27.37 4.51 -5.63
CA LEU A 121 27.34 5.91 -5.24
C LEU A 121 28.33 6.05 -4.10
N VAL A 122 29.06 7.17 -4.09
CA VAL A 122 30.13 7.42 -3.13
C VAL A 122 29.62 8.29 -2.01
N VAL A 123 29.51 7.76 -0.78
CA VAL A 123 29.03 8.57 0.40
C VAL A 123 30.27 8.97 1.18
N ASP A 124 30.77 10.19 0.97
CA ASP A 124 32.05 10.52 1.65
C ASP A 124 31.84 11.55 2.78
N THR A 125 30.59 11.74 3.22
CA THR A 125 30.32 12.58 4.37
C THR A 125 29.86 11.78 5.55
N LEU A 126 30.25 10.51 5.60
CA LEU A 126 30.11 9.75 6.82
C LEU A 126 31.08 10.33 7.89
N SER A 127 30.67 10.18 9.14
CA SER A 127 31.47 10.54 10.26
C SER A 127 32.70 9.63 10.18
N PRO A 128 33.86 10.12 10.60
CA PRO A 128 35.05 9.30 10.75
C PRO A 128 34.88 8.06 11.64
N THR A 129 33.92 8.04 12.61
CA THR A 129 33.83 6.88 13.48
C THR A 129 33.06 5.78 12.76
N SER A 130 32.28 6.12 11.75
CA SER A 130 31.34 5.19 11.11
C SER A 130 32.06 4.21 10.20
N TRP A 131 31.61 2.94 10.18
CA TRP A 131 32.19 1.92 9.33
C TRP A 131 32.01 2.36 7.87
N GLN A 132 33.10 2.32 7.11
CA GLN A 132 33.13 2.83 5.72
C GLN A 132 33.76 1.76 4.82
N ALA A 133 33.00 1.39 3.82
CA ALA A 133 33.47 0.41 2.81
C ALA A 133 34.86 0.78 2.26
N SER A 134 35.65 -0.24 1.89
CA SER A 134 36.81 -0.07 1.00
C SER A 134 36.62 -0.25 -0.54
N THR A 135 35.51 -0.88 -0.89
CA THR A 135 35.06 -1.24 -2.21
C THR A 135 33.54 -1.13 -2.29
N PHE A 136 33.05 -1.18 -3.52
CA PHE A 136 31.62 -1.17 -3.76
C PHE A 136 31.17 -2.65 -3.75
N PHE A 137 31.03 -3.19 -2.53
CA PHE A 137 30.65 -4.60 -2.33
C PHE A 137 29.17 -4.86 -2.53
N VAL A 138 28.74 -6.11 -2.57
CA VAL A 138 27.32 -6.41 -2.78
C VAL A 138 26.48 -6.12 -1.54
N ARG A 139 25.69 -5.04 -1.55
CA ARG A 139 24.95 -4.55 -0.39
C ARG A 139 23.49 -4.84 -0.61
N ASN A 140 22.74 -5.15 0.45
CA ASN A 140 21.25 -4.99 0.44
C ASN A 140 20.52 -5.99 -0.48
N GLY A 141 21.04 -7.21 -0.52
CA GLY A 141 20.58 -8.21 -1.47
C GLY A 141 20.70 -7.86 -2.97
N SER A 142 21.41 -6.79 -3.36
CA SER A 142 21.60 -6.51 -4.79
C SER A 142 22.24 -7.71 -5.63
N ASN A 143 22.19 -7.62 -6.94
CA ASN A 143 22.52 -8.77 -7.80
C ASN A 143 23.87 -8.57 -8.48
N PRO A 144 24.93 -9.28 -8.01
CA PRO A 144 26.30 -9.10 -8.51
C PRO A 144 26.44 -9.48 -9.97
N GLU A 145 25.52 -10.35 -10.44
CA GLU A 145 25.54 -10.82 -11.82
C GLU A 145 25.06 -9.76 -12.79
N GLN A 146 24.24 -8.84 -12.30
CA GLN A 146 23.61 -7.77 -13.13
C GLN A 146 24.54 -6.67 -13.61
N ASP A 147 24.75 -6.55 -14.92
CA ASP A 147 25.39 -5.35 -15.52
C ASP A 147 24.44 -4.14 -15.34
N PRO A 148 24.83 -3.15 -14.52
CA PRO A 148 23.92 -1.95 -14.37
C PRO A 148 23.54 -1.24 -15.69
N LEU A 149 24.34 -1.36 -16.74
CA LEU A 149 24.16 -0.61 -17.95
C LEU A 149 23.38 -1.43 -19.00
N ARG A 150 23.03 -2.68 -18.67
CA ARG A 150 22.26 -3.54 -19.54
C ARG A 150 21.11 -4.18 -18.79
N ASN A 151 20.46 -3.39 -17.98
CA ASN A 151 19.39 -3.89 -17.12
C ASN A 151 18.02 -3.34 -17.58
N LEU A 152 16.98 -3.94 -17.02
CA LEU A 152 15.62 -3.36 -16.94
C LEU A 152 15.39 -3.03 -15.47
N SER A 153 15.98 -1.95 -15.02
CA SER A 153 15.94 -1.64 -13.57
C SER A 153 14.52 -1.49 -13.03
N GLY A 154 13.64 -0.98 -13.88
CA GLY A 154 12.27 -0.72 -13.45
C GLY A 154 11.41 -1.96 -13.41
N GLN A 155 11.81 -3.06 -14.08
CA GLN A 155 11.12 -4.33 -13.90
C GLN A 155 10.89 -4.70 -12.45
N ALA A 156 9.68 -5.16 -12.16
CA ALA A 156 9.26 -5.50 -10.83
C ALA A 156 8.14 -6.58 -10.87
N VAL A 157 7.96 -7.34 -9.80
CA VAL A 157 6.93 -8.36 -9.72
C VAL A 157 5.97 -8.14 -8.54
N THR A 158 4.75 -8.63 -8.65
CA THR A 158 3.76 -8.53 -7.59
C THR A 158 3.38 -9.93 -7.09
N ARG A 159 3.51 -10.12 -5.79
CA ARG A 159 3.22 -11.44 -5.22
C ARG A 159 2.12 -11.27 -4.23
N VAL A 160 0.90 -11.29 -4.74
CA VAL A 160 -0.34 -11.18 -3.97
C VAL A 160 -1.35 -11.93 -4.78
N VAL A 161 -2.38 -12.42 -4.10
CA VAL A 161 -3.42 -13.15 -4.85
C VAL A 161 -4.02 -12.13 -5.82
N GLY A 162 -4.17 -12.54 -7.08
CA GLY A 162 -4.71 -11.70 -8.15
C GLY A 162 -3.62 -10.97 -8.90
N GLY A 163 -2.39 -11.19 -8.49
CA GLY A 163 -1.17 -10.56 -9.03
C GLY A 163 -1.37 -9.06 -9.26
N MET A 164 -0.79 -8.62 -10.39
CA MET A 164 -0.73 -7.22 -10.74
C MET A 164 -2.09 -6.64 -11.08
N SER A 165 -3.08 -7.49 -11.32
CA SER A 165 -4.43 -7.03 -11.60
C SER A 165 -5.11 -6.50 -10.39
N THR A 166 -4.46 -6.57 -9.23
CA THR A 166 -4.97 -5.92 -8.00
C THR A 166 -4.68 -4.44 -7.93
N HIS A 167 -3.81 -3.94 -8.83
CA HIS A 167 -3.43 -2.53 -8.87
C HIS A 167 -3.50 -1.93 -10.32
N TRP A 168 -3.68 -2.74 -11.36
CA TRP A 168 -3.48 -2.29 -12.76
C TRP A 168 -4.40 -1.16 -13.18
N THR A 169 -4.03 -0.52 -14.27
CA THR A 169 -4.84 0.58 -14.86
C THR A 169 -6.07 0.11 -15.62
N CYS A 170 -6.18 -1.20 -15.91
CA CYS A 170 -7.38 -1.75 -16.61
C CYS A 170 -7.54 -1.39 -18.11
N ALA A 171 -6.46 -0.99 -18.74
CA ALA A 171 -6.53 -0.58 -20.10
C ALA A 171 -6.35 -1.78 -20.90
N THR A 172 -7.33 -2.04 -21.78
CA THR A 172 -7.38 -3.30 -22.50
C THR A 172 -7.71 -3.20 -24.01
N PRO A 173 -6.76 -2.60 -24.73
CA PRO A 173 -6.80 -2.46 -26.19
C PRO A 173 -6.39 -3.75 -26.87
N ARG A 174 -6.95 -3.97 -28.04
CA ARG A 174 -6.52 -4.99 -28.94
C ARG A 174 -5.32 -4.57 -29.71
N PHE A 175 -4.52 -5.53 -30.10
CA PHE A 175 -3.47 -5.35 -31.08
C PHE A 175 -4.07 -5.43 -32.50
N ASP A 176 -3.59 -4.58 -33.38
CA ASP A 176 -3.83 -4.64 -34.78
C ASP A 176 -2.81 -5.60 -35.37
N ARG A 177 -2.97 -5.93 -36.65
CA ARG A 177 -2.16 -6.98 -37.18
C ARG A 177 -0.67 -6.72 -36.96
N GLU A 178 -0.23 -5.50 -37.13
CA GLU A 178 1.22 -5.27 -37.14
C GLU A 178 1.90 -5.56 -35.81
N GLN A 179 1.14 -5.53 -34.71
CA GLN A 179 1.66 -5.76 -33.39
C GLN A 179 1.50 -7.15 -32.91
N ARG A 180 0.83 -7.98 -33.72
CA ARG A 180 0.16 -9.17 -33.24
C ARG A 180 0.78 -10.43 -33.80
N PRO A 181 0.95 -11.44 -32.93
CA PRO A 181 1.37 -12.76 -33.45
C PRO A 181 0.30 -13.38 -34.37
N LEU A 182 0.74 -14.05 -35.44
CA LEU A 182 -0.15 -14.90 -36.26
C LEU A 182 -0.66 -16.13 -35.53
N LEU A 183 -1.97 -16.38 -35.66
CA LEU A 183 -2.62 -17.57 -35.15
C LEU A 183 -3.01 -18.49 -36.30
N VAL A 184 -3.21 -17.92 -37.48
CA VAL A 184 -3.29 -18.70 -38.68
C VAL A 184 -2.29 -18.15 -39.69
N LYS A 185 -1.45 -19.00 -40.31
CA LYS A 185 -0.63 -18.51 -41.47
C LYS A 185 -1.30 -18.56 -42.86
N ASP A 186 -0.79 -17.70 -43.73
CA ASP A 186 -1.22 -17.55 -45.11
C ASP A 186 -2.73 -17.32 -45.26
N ASP A 187 -3.38 -16.89 -44.19
CA ASP A 187 -4.78 -16.47 -44.29
C ASP A 187 -5.19 -15.33 -43.33
N ALA A 188 -5.11 -14.12 -43.83
CA ALA A 188 -5.26 -12.92 -43.01
C ALA A 188 -6.70 -12.78 -42.43
N ASP A 189 -7.70 -13.11 -43.25
CA ASP A 189 -9.10 -13.02 -42.85
C ASP A 189 -9.41 -14.04 -41.75
N ALA A 190 -8.87 -15.25 -41.91
CA ALA A 190 -9.03 -16.31 -40.94
C ALA A 190 -8.26 -15.95 -39.68
N ASP A 191 -7.04 -15.43 -39.82
CA ASP A 191 -6.31 -14.94 -38.61
C ASP A 191 -7.08 -13.81 -37.87
N ASP A 192 -7.57 -12.85 -38.65
CA ASP A 192 -8.46 -11.78 -38.12
C ASP A 192 -9.69 -12.30 -37.38
N ALA A 193 -10.30 -13.31 -38.01
CA ALA A 193 -11.47 -14.01 -37.51
C ALA A 193 -11.24 -14.64 -36.15
N GLU A 194 -10.16 -15.43 -36.07
CA GLU A 194 -9.68 -16.04 -34.82
C GLU A 194 -9.40 -15.01 -33.71
N TRP A 195 -8.67 -13.98 -34.05
CA TRP A 195 -8.45 -12.92 -33.02
C TRP A 195 -9.68 -12.18 -32.60
N ASP A 196 -10.58 -11.91 -33.53
CA ASP A 196 -11.77 -11.19 -33.17
C ASP A 196 -12.68 -12.02 -32.18
N ARG A 197 -12.76 -13.32 -32.38
CA ARG A 197 -13.55 -14.20 -31.48
C ARG A 197 -12.89 -14.25 -30.12
N LEU A 198 -11.56 -14.39 -30.09
CA LEU A 198 -10.84 -14.51 -28.79
C LEU A 198 -10.87 -13.19 -28.01
N TYR A 199 -10.70 -12.04 -28.71
CA TYR A 199 -10.69 -10.76 -28.01
C TYR A 199 -12.08 -10.46 -27.49
N THR A 200 -13.10 -10.80 -28.26
CA THR A 200 -14.46 -10.50 -27.85
C THR A 200 -14.79 -11.26 -26.56
N LYS A 201 -14.45 -12.55 -26.50
CA LYS A 201 -14.64 -13.33 -25.27
C LYS A 201 -13.79 -12.69 -24.14
N ALA A 202 -12.53 -12.31 -24.44
CA ALA A 202 -11.63 -11.80 -23.39
C ALA A 202 -12.19 -10.51 -22.83
N GLU A 203 -12.70 -9.71 -23.72
CA GLU A 203 -13.27 -8.44 -23.40
C GLU A 203 -14.43 -8.71 -22.51
N SER A 204 -15.16 -9.76 -22.81
CA SER A 204 -16.29 -10.16 -21.98
C SER A 204 -15.91 -10.54 -20.54
N TYR A 205 -14.83 -11.29 -20.40
CA TYR A 205 -14.31 -11.69 -19.10
C TYR A 205 -13.86 -10.49 -18.24
N PHE A 206 -13.17 -9.59 -18.88
CA PHE A 206 -12.68 -8.36 -18.27
C PHE A 206 -13.75 -7.25 -18.08
N GLN A 207 -14.88 -7.39 -18.77
CA GLN A 207 -15.96 -6.33 -18.77
C GLN A 207 -15.41 -5.03 -19.35
N THR A 208 -14.60 -5.21 -20.40
CA THR A 208 -14.03 -4.11 -21.15
C THR A 208 -15.12 -3.26 -21.76
N GLY A 209 -14.95 -1.96 -21.78
CA GLY A 209 -15.96 -1.04 -22.41
C GLY A 209 -15.27 0.27 -22.73
N THR A 210 -15.93 1.16 -23.48
CA THR A 210 -15.35 2.43 -23.88
C THR A 210 -16.28 3.62 -23.52
N ASP A 211 -17.23 3.41 -22.63
CA ASP A 211 -18.24 4.41 -22.35
C ASP A 211 -18.23 4.97 -20.92
N GLN A 212 -17.38 4.44 -20.05
CA GLN A 212 -17.44 4.78 -18.63
C GLN A 212 -17.21 6.27 -18.33
N PHE A 213 -16.48 6.98 -19.20
CA PHE A 213 -16.16 8.40 -18.97
C PHE A 213 -16.88 9.39 -19.90
N LYS A 214 -17.98 8.96 -20.50
CA LYS A 214 -18.65 9.74 -21.58
C LYS A 214 -19.14 11.04 -21.04
N GLU A 215 -19.38 11.12 -19.75
CA GLU A 215 -20.01 12.33 -19.13
C GLU A 215 -18.98 13.22 -18.43
N SER A 216 -17.71 12.90 -18.56
CA SER A 216 -16.66 13.73 -17.95
C SER A 216 -16.34 14.99 -18.78
N ILE A 217 -16.28 16.16 -18.13
CA ILE A 217 -15.86 17.38 -18.77
C ILE A 217 -14.40 17.41 -19.19
N ARG A 218 -13.49 16.95 -18.32
CA ARG A 218 -12.09 16.95 -18.67
C ARG A 218 -11.87 16.00 -19.78
N HIS A 219 -12.55 14.89 -19.75
CA HIS A 219 -12.32 13.88 -20.77
C HIS A 219 -12.71 14.35 -22.12
N ASN A 220 -13.93 14.85 -22.17
CA ASN A 220 -14.43 15.38 -23.43
C ASN A 220 -13.64 16.57 -23.92
N LEU A 221 -13.20 17.46 -23.03
CA LEU A 221 -12.46 18.63 -23.45
C LEU A 221 -11.14 18.20 -24.22
N VAL A 222 -10.38 17.31 -23.58
CA VAL A 222 -9.11 16.85 -24.10
C VAL A 222 -9.39 15.99 -25.34
N LEU A 223 -10.28 15.02 -25.21
CA LEU A 223 -10.65 14.21 -26.36
C LEU A 223 -11.10 15.05 -27.55
N ASN A 224 -11.88 16.08 -27.27
CA ASN A 224 -12.34 16.91 -28.35
C ASN A 224 -11.21 17.65 -29.09
N LYS A 225 -10.36 18.34 -28.33
CA LYS A 225 -9.26 19.08 -28.94
C LYS A 225 -8.39 18.25 -29.89
N LEU A 226 -8.06 17.07 -29.43
CA LEU A 226 -7.23 16.15 -30.14
C LEU A 226 -7.94 15.65 -31.37
N THR A 227 -9.25 15.34 -31.27
CA THR A 227 -9.94 14.86 -32.42
C THR A 227 -9.89 15.91 -33.55
N GLU A 228 -9.90 17.20 -33.14
CA GLU A 228 -9.94 18.33 -34.08
C GLU A 228 -8.54 18.66 -34.61
N GLU A 229 -7.57 18.77 -33.72
CA GLU A 229 -6.25 18.96 -34.18
C GLU A 229 -5.76 17.85 -35.13
N TYR A 230 -6.11 16.61 -34.91
CA TYR A 230 -5.65 15.54 -35.82
C TYR A 230 -6.69 15.16 -36.92
N LYS A 231 -7.47 16.15 -37.36
CA LYS A 231 -8.57 15.89 -38.28
C LYS A 231 -7.91 15.27 -39.49
N GLY A 232 -8.41 14.11 -39.91
CA GLY A 232 -7.90 13.47 -41.13
C GLY A 232 -6.53 12.78 -40.99
N GLN A 233 -6.03 12.69 -39.77
CA GLN A 233 -4.70 12.16 -39.57
C GLN A 233 -4.73 11.05 -38.55
N ARG A 234 -5.38 11.30 -37.45
CA ARG A 234 -5.53 10.28 -36.42
C ARG A 234 -6.90 10.30 -35.78
N ASP A 235 -7.35 9.13 -35.34
CA ASP A 235 -8.54 8.99 -34.59
C ASP A 235 -8.23 8.82 -33.10
N PHE A 236 -9.03 9.45 -32.27
CA PHE A 236 -8.98 9.30 -30.87
C PHE A 236 -10.28 8.72 -30.32
N GLN A 237 -10.17 8.08 -29.17
CA GLN A 237 -11.31 7.47 -28.48
C GLN A 237 -11.01 7.33 -27.04
N GLN A 238 -12.02 6.90 -26.25
CA GLN A 238 -11.75 6.65 -24.86
C GLN A 238 -10.92 5.37 -24.80
N ILE A 239 -10.00 5.30 -23.84
CA ILE A 239 -9.18 4.11 -23.66
C ILE A 239 -10.21 3.00 -23.33
N PRO A 240 -10.15 1.86 -23.99
CA PRO A 240 -10.94 0.68 -23.59
C PRO A 240 -10.48 0.21 -22.27
N LEU A 241 -11.42 0.20 -21.32
CA LEU A 241 -11.11 -0.02 -19.93
C LEU A 241 -11.89 -1.21 -19.40
N ALA A 242 -11.19 -2.09 -18.67
CA ALA A 242 -11.86 -3.18 -17.97
C ALA A 242 -12.38 -2.65 -16.66
N ALA A 243 -13.63 -2.22 -16.65
CA ALA A 243 -14.23 -1.42 -15.55
C ALA A 243 -15.68 -1.20 -15.82
N THR A 244 -16.50 -1.09 -14.78
CA THR A 244 -17.91 -0.80 -14.92
C THR A 244 -18.33 0.35 -14.02
N ARG A 245 -18.90 1.43 -14.56
CA ARG A 245 -19.29 2.57 -13.70
C ARG A 245 -20.52 2.26 -12.91
N ARG A 246 -20.50 2.55 -11.60
CA ARG A 246 -21.64 2.26 -10.69
C ARG A 246 -22.30 3.53 -10.22
N SER A 247 -21.58 4.66 -10.30
CA SER A 247 -22.13 5.96 -9.96
C SER A 247 -21.26 7.04 -10.62
N PRO A 248 -21.70 8.29 -10.57
CA PRO A 248 -20.85 9.35 -11.10
C PRO A 248 -19.50 9.54 -10.36
N THR A 249 -19.33 8.96 -9.18
CA THR A 249 -18.05 9.03 -8.47
C THR A 249 -17.55 7.64 -8.10
N PHE A 250 -18.04 6.58 -8.72
CA PHE A 250 -17.50 5.26 -8.40
C PHE A 250 -17.40 4.36 -9.65
N VAL A 251 -16.19 3.98 -10.01
CA VAL A 251 -15.99 3.05 -11.12
C VAL A 251 -15.53 1.73 -10.47
N GLU A 252 -16.15 0.63 -10.83
CA GLU A 252 -15.68 -0.66 -10.37
C GLU A 252 -14.69 -1.29 -11.35
N TRP A 253 -13.40 -1.16 -11.03
CA TRP A 253 -12.31 -1.62 -11.88
C TRP A 253 -12.24 -3.12 -11.92
N SER A 254 -12.02 -3.67 -13.10
CA SER A 254 -11.88 -5.11 -13.24
C SER A 254 -10.51 -5.62 -12.71
N SER A 255 -10.49 -6.92 -12.43
CA SER A 255 -9.33 -7.66 -11.92
C SER A 255 -9.48 -9.18 -12.23
N ALA A 256 -8.53 -9.99 -11.77
CA ALA A 256 -8.64 -11.45 -11.82
C ALA A 256 -9.96 -11.88 -11.15
N ASN A 257 -10.43 -11.14 -10.14
CA ASN A 257 -11.65 -11.46 -9.44
C ASN A 257 -12.86 -11.37 -10.34
N THR A 258 -12.84 -10.42 -11.24
CA THR A 258 -13.86 -10.22 -12.20
C THR A 258 -13.86 -11.40 -13.17
N VAL A 259 -12.68 -11.83 -13.57
CA VAL A 259 -12.55 -13.00 -14.45
C VAL A 259 -13.03 -14.30 -13.77
N PHE A 260 -12.44 -14.61 -12.61
CA PHE A 260 -12.84 -15.80 -11.77
C PHE A 260 -12.86 -15.39 -10.29
N ASP A 261 -13.94 -15.62 -9.57
CA ASP A 261 -14.05 -15.00 -8.23
C ASP A 261 -13.12 -15.61 -7.14
N LEU A 262 -12.35 -16.65 -7.51
CA LEU A 262 -11.38 -17.33 -6.65
C LEU A 262 -11.90 -18.01 -5.31
N GLN A 263 -13.21 -18.18 -5.18
CA GLN A 263 -13.82 -18.95 -4.07
C GLN A 263 -13.64 -20.44 -4.29
N ASN A 264 -13.53 -21.18 -3.17
CA ASN A 264 -13.38 -22.62 -3.25
C ASN A 264 -14.69 -23.21 -3.69
N ARG A 265 -14.61 -24.21 -4.55
CA ARG A 265 -15.79 -24.87 -5.08
C ARG A 265 -15.67 -26.37 -4.77
N PRO A 266 -16.81 -27.03 -4.46
CA PRO A 266 -18.18 -26.50 -4.55
C PRO A 266 -18.54 -25.47 -3.49
N ASN A 267 -19.60 -24.76 -3.75
CA ASN A 267 -20.20 -23.82 -2.84
C ASN A 267 -21.64 -23.66 -3.26
N THR A 268 -22.45 -22.88 -2.56
CA THR A 268 -23.86 -22.95 -2.86
C THR A 268 -24.04 -22.62 -4.30
N ASP A 269 -23.33 -21.60 -4.71
CA ASP A 269 -23.44 -21.02 -6.03
C ASP A 269 -23.00 -21.88 -7.19
N ALA A 270 -22.08 -22.78 -6.94
CA ALA A 270 -21.47 -23.58 -8.01
C ALA A 270 -21.28 -25.00 -7.49
N PRO A 271 -22.35 -25.61 -7.02
CA PRO A 271 -22.30 -26.91 -6.32
C PRO A 271 -21.63 -28.03 -7.12
N GLU A 272 -21.65 -27.90 -8.44
CA GLU A 272 -21.13 -28.93 -9.32
C GLU A 272 -19.67 -28.66 -9.74
N GLU A 273 -19.09 -27.58 -9.21
CA GLU A 273 -17.70 -27.18 -9.54
C GLU A 273 -16.69 -27.57 -8.45
N ARG A 274 -15.46 -27.88 -8.88
CA ARG A 274 -14.33 -28.19 -8.01
C ARG A 274 -13.10 -27.29 -8.29
N PHE A 275 -12.78 -26.48 -7.27
CA PHE A 275 -11.68 -25.52 -7.33
C PHE A 275 -11.16 -25.21 -5.95
N ASN A 276 -9.83 -25.23 -5.79
CA ASN A 276 -9.18 -24.76 -4.56
C ASN A 276 -8.00 -23.83 -4.87
N LEU A 277 -7.99 -22.74 -4.10
CA LEU A 277 -6.89 -21.79 -4.10
C LEU A 277 -6.03 -22.02 -2.88
N PHE A 278 -4.72 -22.05 -3.11
CA PHE A 278 -3.73 -22.25 -2.06
C PHE A 278 -2.75 -21.12 -2.04
N PRO A 279 -3.02 -20.10 -1.22
CA PRO A 279 -2.07 -19.02 -1.04
C PRO A 279 -0.82 -19.32 -0.17
N ALA A 280 0.17 -18.45 -0.22
CA ALA A 280 1.41 -18.67 0.52
C ALA A 280 2.03 -20.03 0.13
N VAL A 281 1.98 -20.39 -1.15
CA VAL A 281 2.71 -21.53 -1.65
C VAL A 281 3.57 -21.26 -2.88
N ALA A 282 4.90 -21.33 -2.70
CA ALA A 282 5.92 -21.19 -3.75
C ALA A 282 5.90 -22.48 -4.57
N CYS A 283 5.84 -22.36 -5.90
CA CYS A 283 5.93 -23.49 -6.81
C CYS A 283 7.33 -23.36 -7.35
N GLU A 284 8.13 -24.42 -7.22
CA GLU A 284 9.55 -24.34 -7.40
C GLU A 284 10.05 -25.06 -8.62
N ARG A 285 9.38 -26.18 -8.95
CA ARG A 285 9.71 -27.00 -10.12
C ARG A 285 8.51 -27.82 -10.61
N VAL A 286 8.52 -28.01 -11.92
CA VAL A 286 7.75 -29.03 -12.60
C VAL A 286 8.74 -30.13 -13.06
N VAL A 287 8.38 -31.38 -12.80
CA VAL A 287 9.32 -32.48 -12.97
C VAL A 287 9.08 -33.10 -14.33
N ARG A 288 10.11 -33.12 -15.13
CA ARG A 288 10.06 -33.65 -16.46
C ARG A 288 10.35 -35.11 -16.38
N ASN A 289 9.71 -35.92 -17.22
CA ASN A 289 10.24 -37.26 -17.48
C ASN A 289 11.52 -37.07 -18.29
N ALA A 290 12.32 -38.12 -18.41
CA ALA A 290 13.58 -38.09 -19.16
C ALA A 290 13.42 -37.79 -20.67
N LEU A 291 12.26 -38.20 -21.20
CA LEU A 291 11.90 -38.06 -22.59
C LEU A 291 11.56 -36.64 -22.95
N ASN A 292 11.34 -35.81 -21.93
CA ASN A 292 10.90 -34.43 -22.16
C ASN A 292 9.61 -34.43 -22.94
N SER A 293 8.66 -35.28 -22.52
CA SER A 293 7.28 -35.33 -23.16
C SER A 293 6.09 -35.19 -22.20
N GLU A 294 6.35 -35.17 -20.90
CA GLU A 294 5.31 -34.91 -19.94
C GLU A 294 5.89 -34.26 -18.72
N ILE A 295 5.04 -33.56 -17.98
CA ILE A 295 5.32 -33.19 -16.61
C ILE A 295 4.71 -34.30 -15.70
N GLU A 296 5.51 -34.75 -14.74
CA GLU A 296 5.16 -35.79 -13.75
C GLU A 296 4.46 -35.26 -12.50
N SER A 297 4.90 -34.10 -12.02
CA SER A 297 4.39 -33.50 -10.78
C SER A 297 4.82 -32.06 -10.65
N LEU A 298 4.18 -31.40 -9.69
CA LEU A 298 4.55 -30.00 -9.33
C LEU A 298 5.10 -29.93 -7.88
N HIS A 299 6.37 -29.57 -7.72
CA HIS A 299 6.95 -29.37 -6.39
C HIS A 299 6.63 -28.02 -5.84
N ILE A 300 5.99 -28.04 -4.68
CA ILE A 300 5.56 -26.85 -4.01
C ILE A 300 6.26 -26.72 -2.65
N HIS A 301 6.35 -25.47 -2.16
CA HIS A 301 6.89 -25.14 -0.83
C HIS A 301 5.89 -24.31 -0.10
N ASP A 302 5.32 -24.86 0.99
CA ASP A 302 4.30 -24.15 1.76
C ASP A 302 5.01 -23.22 2.67
N LEU A 303 4.67 -21.94 2.54
CA LEU A 303 5.46 -20.85 3.16
C LEU A 303 5.15 -20.68 4.64
N ILE A 304 3.94 -21.05 5.04
CA ILE A 304 3.50 -21.00 6.39
C ILE A 304 4.19 -22.09 7.24
N SER A 305 3.98 -23.35 6.85
CA SER A 305 4.48 -24.50 7.58
C SER A 305 5.90 -24.81 7.27
N GLY A 306 6.34 -24.48 6.06
CA GLY A 306 7.71 -24.70 5.62
C GLY A 306 7.86 -26.03 4.88
N ASP A 307 6.80 -26.84 4.82
CA ASP A 307 6.91 -28.19 4.29
C ASP A 307 6.90 -28.12 2.78
N ARG A 308 7.56 -29.06 2.11
CA ARG A 308 7.52 -29.16 0.64
C ARG A 308 6.73 -30.41 0.24
N PHE A 309 5.91 -30.32 -0.82
CA PHE A 309 4.99 -31.36 -1.30
C PHE A 309 5.09 -31.54 -2.82
N GLU A 310 4.60 -32.67 -3.33
CA GLU A 310 4.57 -32.99 -4.74
C GLU A 310 3.11 -33.07 -5.06
N ILE A 311 2.66 -32.35 -6.09
CA ILE A 311 1.27 -32.40 -6.51
C ILE A 311 1.18 -33.00 -7.91
N LYS A 312 0.19 -33.87 -8.11
CA LYS A 312 -0.05 -34.52 -9.39
C LYS A 312 -1.23 -33.87 -10.07
N ALA A 313 -1.08 -33.64 -11.36
CA ALA A 313 -2.18 -33.18 -12.18
C ALA A 313 -2.11 -33.94 -13.49
N ASP A 314 -3.18 -33.92 -14.28
CA ASP A 314 -3.08 -34.32 -15.69
C ASP A 314 -2.43 -33.18 -16.55
N VAL A 315 -2.83 -31.97 -16.20
CA VAL A 315 -2.55 -30.76 -16.95
C VAL A 315 -1.87 -29.82 -16.01
N TYR A 316 -0.73 -29.25 -16.44
CA TYR A 316 0.00 -28.25 -15.65
C TYR A 316 0.01 -26.91 -16.41
N VAL A 317 -0.54 -25.85 -15.77
CA VAL A 317 -0.64 -24.49 -16.33
C VAL A 317 0.27 -23.56 -15.52
N LEU A 318 1.28 -23.01 -16.17
CA LEU A 318 2.13 -21.99 -15.53
C LEU A 318 1.73 -20.58 -15.94
N THR A 319 1.18 -19.81 -14.97
CA THR A 319 0.85 -18.41 -15.20
C THR A 319 1.40 -17.54 -14.04
N ALA A 320 2.70 -17.67 -13.83
CA ALA A 320 3.38 -16.95 -12.75
C ALA A 320 3.97 -15.57 -13.12
N GLY A 321 3.75 -15.15 -14.37
CA GLY A 321 4.21 -13.84 -14.88
C GLY A 321 5.32 -14.06 -15.85
N ALA A 322 5.65 -13.06 -16.64
CA ALA A 322 6.70 -13.32 -17.66
C ALA A 322 8.06 -13.62 -17.06
N VAL A 323 8.38 -13.01 -15.90
CA VAL A 323 9.65 -13.37 -15.18
C VAL A 323 9.59 -14.72 -14.50
N HIS A 324 8.56 -14.96 -13.70
CA HIS A 324 8.51 -16.17 -12.91
C HIS A 324 8.12 -17.51 -13.56
N ASN A 325 7.29 -17.54 -14.61
CA ASN A 325 7.28 -18.70 -15.51
C ASN A 325 8.68 -19.11 -15.93
N THR A 326 9.45 -18.18 -16.48
CA THR A 326 10.74 -18.46 -16.99
C THR A 326 11.66 -18.99 -15.88
N GLN A 327 11.67 -18.29 -14.73
CA GLN A 327 12.48 -18.75 -13.57
C GLN A 327 12.17 -20.23 -13.23
N LEU A 328 10.88 -20.51 -13.17
CA LEU A 328 10.40 -21.80 -12.81
C LEU A 328 10.79 -22.88 -13.82
N LEU A 329 10.69 -22.56 -15.08
CA LEU A 329 11.13 -23.49 -16.11
C LEU A 329 12.65 -23.73 -16.07
N VAL A 330 13.44 -22.67 -15.92
CA VAL A 330 14.90 -22.81 -15.80
C VAL A 330 15.25 -23.61 -14.53
N ASN A 331 14.46 -23.46 -13.44
CA ASN A 331 14.71 -24.26 -12.21
C ASN A 331 14.38 -25.73 -12.44
N SER A 332 13.54 -26.00 -13.43
CA SER A 332 13.06 -27.32 -13.76
C SER A 332 13.87 -28.03 -14.87
N GLY A 333 14.96 -27.40 -15.34
CA GLY A 333 15.82 -28.05 -16.30
C GLY A 333 15.64 -27.68 -17.76
N PHE A 334 14.71 -26.75 -18.00
CA PHE A 334 14.52 -26.15 -19.32
C PHE A 334 15.49 -25.01 -19.53
N GLY A 335 15.97 -24.87 -20.77
CA GLY A 335 16.85 -23.79 -21.14
C GLY A 335 18.16 -23.96 -20.45
N GLN A 336 18.77 -22.90 -19.97
CA GLN A 336 20.10 -23.06 -19.36
C GLN A 336 20.15 -22.22 -18.10
N LEU A 337 20.68 -22.77 -17.05
CA LEU A 337 20.89 -22.02 -15.87
C LEU A 337 22.25 -21.35 -16.03
N GLY A 338 22.39 -20.19 -15.41
CA GLY A 338 23.65 -19.47 -15.35
C GLY A 338 23.83 -18.56 -16.53
N ARG A 339 24.91 -17.81 -16.49
CA ARG A 339 25.20 -16.81 -17.51
C ARG A 339 25.27 -17.52 -18.88
N PRO A 340 24.61 -16.97 -19.87
CA PRO A 340 24.57 -17.70 -21.12
C PRO A 340 25.94 -18.15 -21.59
N ASN A 341 25.99 -19.36 -22.13
CA ASN A 341 27.18 -19.90 -22.76
C ASN A 341 26.84 -20.31 -24.17
N PRO A 342 27.25 -19.50 -25.16
CA PRO A 342 26.97 -19.85 -26.55
C PRO A 342 27.85 -21.00 -27.04
N ALA A 343 29.02 -21.22 -26.41
CA ALA A 343 29.83 -22.46 -26.65
C ALA A 343 28.99 -23.71 -26.38
N ASN A 344 28.12 -23.63 -25.38
CA ASN A 344 27.26 -24.76 -25.00
C ASN A 344 25.77 -24.34 -24.88
N PRO A 345 25.08 -24.15 -26.03
CA PRO A 345 23.64 -23.88 -25.92
C PRO A 345 22.81 -25.08 -25.35
N PRO A 346 21.69 -24.81 -24.70
CA PRO A 346 20.89 -25.84 -24.11
C PRO A 346 20.15 -26.66 -25.11
N GLU A 347 19.98 -27.94 -24.87
CA GLU A 347 19.18 -28.79 -25.70
C GLU A 347 17.73 -28.50 -25.58
N LEU A 348 17.26 -28.34 -24.36
CA LEU A 348 15.87 -28.31 -24.15
C LEU A 348 15.40 -26.83 -24.20
N LEU A 349 14.55 -26.50 -25.15
CA LEU A 349 13.92 -25.17 -25.20
C LEU A 349 14.96 -24.04 -25.30
N PRO A 350 15.77 -24.09 -26.35
CA PRO A 350 16.90 -23.16 -26.40
C PRO A 350 16.56 -21.68 -26.58
N SER A 351 15.33 -21.39 -26.98
CA SER A 351 14.89 -20.01 -27.14
C SER A 351 14.34 -19.43 -25.84
N LEU A 352 14.31 -20.21 -24.75
CA LEU A 352 13.76 -19.72 -23.49
C LEU A 352 14.65 -18.59 -22.91
N GLY A 353 13.97 -17.50 -22.53
CA GLY A 353 14.52 -16.24 -22.01
C GLY A 353 15.39 -15.50 -23.00
N SER A 354 15.34 -15.89 -24.28
CA SER A 354 15.92 -15.08 -25.37
C SER A 354 14.77 -14.32 -26.12
N TYR A 355 15.14 -13.35 -26.97
CA TYR A 355 14.13 -12.50 -27.68
C TYR A 355 13.14 -11.76 -26.74
N ILE A 356 13.59 -11.45 -25.55
CA ILE A 356 12.77 -10.71 -24.62
C ILE A 356 12.54 -9.31 -25.16
N THR A 357 11.33 -8.88 -24.94
CA THR A 357 10.95 -7.48 -25.31
C THR A 357 10.40 -6.74 -24.10
N GLU A 358 10.78 -5.45 -23.99
CA GLU A 358 10.14 -4.50 -23.08
C GLU A 358 9.93 -3.21 -23.85
N GLN A 359 8.87 -2.51 -23.48
CA GLN A 359 8.51 -1.28 -24.20
C GLN A 359 9.23 -0.10 -23.65
N SER A 360 9.58 0.80 -24.54
CA SER A 360 10.08 2.09 -24.08
C SER A 360 8.83 2.84 -23.63
N LEU A 361 8.95 3.64 -22.54
CA LEU A 361 7.86 4.48 -22.04
C LEU A 361 8.35 5.94 -21.81
N VAL A 362 7.61 6.86 -22.42
CA VAL A 362 7.81 8.28 -22.21
C VAL A 362 6.64 8.80 -21.39
N PHE A 363 6.91 9.88 -20.64
CA PHE A 363 5.94 10.46 -19.70
C PHE A 363 6.11 11.96 -19.55
N CYS A 364 4.99 12.65 -19.41
CA CYS A 364 4.95 14.04 -18.87
C CYS A 364 3.61 14.37 -18.27
N GLN A 365 3.49 15.49 -17.59
CA GLN A 365 2.17 16.07 -17.31
C GLN A 365 2.04 17.49 -17.90
N THR A 366 0.83 17.91 -18.25
CA THR A 366 0.60 19.25 -18.79
C THR A 366 -0.36 19.97 -17.93
N VAL A 367 -0.31 21.27 -18.00
CA VAL A 367 -1.28 22.15 -17.34
C VAL A 367 -2.16 22.76 -18.41
N MET A 368 -3.47 22.52 -18.29
CA MET A 368 -4.45 22.93 -19.31
C MET A 368 -4.25 24.36 -19.81
N SER A 369 -4.30 24.53 -21.15
CA SER A 369 -4.14 25.87 -21.75
C SER A 369 -5.30 26.80 -21.36
N THR A 370 -4.95 28.05 -21.18
CA THR A 370 -5.98 29.11 -21.07
C THR A 370 -7.06 29.03 -22.17
N GLU A 371 -6.64 28.77 -23.39
CA GLU A 371 -7.61 28.73 -24.48
C GLU A 371 -8.64 27.56 -24.27
N LEU A 372 -8.11 26.41 -23.84
CA LEU A 372 -8.98 25.26 -23.57
C LEU A 372 -9.88 25.53 -22.42
N ILE A 373 -9.37 26.16 -21.37
CA ILE A 373 -10.21 26.49 -20.23
C ILE A 373 -11.33 27.46 -20.63
N ASP A 374 -10.98 28.45 -21.43
CA ASP A 374 -11.94 29.36 -21.97
C ASP A 374 -12.94 28.65 -22.87
N SER A 375 -12.55 27.61 -23.64
CA SER A 375 -13.48 26.96 -24.56
C SER A 375 -14.61 26.14 -23.83
N VAL A 376 -14.31 25.61 -22.62
CA VAL A 376 -15.32 25.13 -21.63
C VAL A 376 -16.55 26.03 -21.51
N LYS A 377 -16.34 27.33 -21.59
CA LYS A 377 -17.44 28.29 -21.34
C LYS A 377 -17.73 29.17 -22.58
N SER A 378 -17.40 28.61 -23.77
CA SER A 378 -17.61 29.31 -25.04
C SER A 378 -19.14 29.46 -25.38
N ASP A 379 -19.98 28.68 -24.77
CA ASP A 379 -21.40 28.80 -25.05
C ASP A 379 -22.05 29.80 -24.07
N MET A 380 -21.28 30.28 -23.07
CA MET A 380 -21.84 31.16 -21.99
C MET A 380 -21.70 32.62 -22.35
N THR A 381 -22.65 33.43 -21.91
CA THR A 381 -22.57 34.91 -21.94
C THR A 381 -22.32 35.24 -20.49
N ILE A 382 -21.15 35.75 -20.26
CA ILE A 382 -20.72 36.00 -18.91
C ILE A 382 -20.68 37.48 -18.81
N ARG A 383 -21.26 38.04 -17.76
CA ARG A 383 -21.01 39.44 -17.45
C ARG A 383 -20.61 39.70 -15.99
N GLY A 384 -19.94 40.83 -15.74
CA GLY A 384 -19.54 41.29 -14.42
C GLY A 384 -18.37 40.46 -13.92
N THR A 385 -18.07 40.63 -12.64
CA THR A 385 -16.89 40.00 -12.01
C THR A 385 -17.35 38.93 -11.04
N PRO A 386 -16.70 37.73 -11.03
CA PRO A 386 -17.10 36.80 -9.96
C PRO A 386 -17.03 37.44 -8.55
N GLY A 387 -18.03 37.11 -7.74
CA GLY A 387 -18.09 37.58 -6.37
C GLY A 387 -18.75 38.94 -6.30
N GLU A 388 -18.97 39.57 -7.46
CA GLU A 388 -19.61 40.90 -7.48
C GLU A 388 -21.12 40.88 -7.85
N LEU A 389 -21.84 41.88 -7.35
CA LEU A 389 -23.33 41.90 -7.42
C LEU A 389 -23.87 41.69 -8.83
N THR A 390 -23.12 42.04 -9.87
CA THR A 390 -23.65 42.05 -11.23
C THR A 390 -23.36 40.76 -12.05
N TYR A 391 -22.64 39.82 -11.42
CA TYR A 391 -22.08 38.67 -12.08
C TYR A 391 -23.13 37.70 -12.59
N SER A 392 -22.98 37.30 -13.85
CA SER A 392 -24.01 36.61 -14.64
C SER A 392 -23.39 35.60 -15.60
N VAL A 393 -23.92 34.36 -15.58
CA VAL A 393 -23.46 33.35 -16.50
C VAL A 393 -24.69 32.70 -17.09
N THR A 394 -24.88 32.77 -18.41
CA THR A 394 -26.08 32.16 -18.97
C THR A 394 -25.74 31.46 -20.28
N TYR A 395 -26.56 30.48 -20.64
CA TYR A 395 -26.55 29.87 -21.96
C TYR A 395 -28.01 29.69 -22.41
N THR A 396 -28.20 29.52 -23.71
CA THR A 396 -29.48 29.12 -24.28
C THR A 396 -29.48 27.62 -24.48
N PRO A 397 -30.28 26.94 -23.69
CA PRO A 397 -30.22 25.50 -23.99
C PRO A 397 -30.61 25.14 -25.44
N GLY A 398 -29.88 24.21 -26.04
CA GLY A 398 -30.22 23.71 -27.36
C GLY A 398 -29.87 24.68 -28.51
N ALA A 399 -29.39 25.89 -28.24
CA ALA A 399 -29.13 26.86 -29.34
C ALA A 399 -28.30 26.25 -30.46
N SER A 400 -28.53 26.71 -31.69
CA SER A 400 -27.74 26.29 -32.89
C SER A 400 -26.30 26.71 -32.79
N THR A 401 -26.01 27.85 -32.23
CA THR A 401 -24.64 28.21 -32.19
C THR A 401 -23.87 27.45 -31.10
N ASN A 402 -24.50 26.62 -30.27
CA ASN A 402 -23.75 26.04 -29.13
C ASN A 402 -22.68 25.05 -29.56
N LYS A 403 -21.53 25.15 -28.91
CA LYS A 403 -20.35 24.23 -29.07
C LYS A 403 -20.33 22.96 -28.21
N HIS A 404 -21.19 22.97 -27.21
CA HIS A 404 -21.31 21.91 -26.19
C HIS A 404 -22.73 21.44 -25.99
N PRO A 405 -22.90 20.17 -25.56
CA PRO A 405 -24.24 19.78 -25.21
C PRO A 405 -24.71 20.42 -23.92
N ASP A 406 -26.00 20.30 -23.69
CA ASP A 406 -26.65 20.97 -22.61
C ASP A 406 -26.14 20.46 -21.26
N TRP A 407 -25.94 19.15 -21.15
CA TRP A 407 -25.50 18.56 -19.88
C TRP A 407 -24.21 19.17 -19.47
N TRP A 408 -23.33 19.37 -20.43
CA TRP A 408 -22.14 20.14 -20.20
C TRP A 408 -22.43 21.56 -19.70
N ASN A 409 -23.14 22.36 -20.49
CA ASN A 409 -23.32 23.78 -20.10
C ASN A 409 -24.07 23.96 -18.74
N GLU A 410 -24.95 23.02 -18.43
CA GLU A 410 -25.65 23.05 -17.13
C GLU A 410 -24.63 22.85 -15.97
N LYS A 411 -23.77 21.82 -16.12
CA LYS A 411 -22.71 21.56 -15.16
C LYS A 411 -21.80 22.77 -14.98
N VAL A 412 -21.33 23.37 -16.10
CA VAL A 412 -20.47 24.58 -16.04
C VAL A 412 -21.18 25.79 -15.46
N LYS A 413 -22.34 26.18 -16.03
CA LYS A 413 -23.09 27.32 -15.48
C LYS A 413 -23.27 27.20 -13.93
N ASN A 414 -23.76 26.05 -13.47
CA ASN A 414 -24.02 25.85 -12.01
C ASN A 414 -22.73 25.96 -11.17
N HIS A 415 -21.65 25.32 -11.62
CA HIS A 415 -20.36 25.47 -10.93
C HIS A 415 -19.90 26.91 -10.94
N MET A 416 -19.95 27.55 -12.10
CA MET A 416 -19.46 28.93 -12.14
C MET A 416 -20.32 29.82 -11.24
N MET A 417 -21.65 29.65 -11.28
CA MET A 417 -22.51 30.56 -10.42
C MET A 417 -22.48 30.26 -8.93
N GLN A 418 -22.40 28.97 -8.59
CA GLN A 418 -22.46 28.53 -7.19
C GLN A 418 -21.11 28.48 -6.51
N HIS A 419 -20.03 28.61 -7.25
CA HIS A 419 -18.73 28.68 -6.60
C HIS A 419 -17.96 29.79 -7.18
N GLN A 420 -18.31 31.02 -6.78
CA GLN A 420 -17.71 32.24 -7.36
C GLN A 420 -16.30 32.51 -6.80
N GLU A 421 -15.92 31.82 -5.73
CA GLU A 421 -14.54 31.73 -5.18
C GLU A 421 -13.55 30.88 -6.03
N ASP A 422 -14.06 30.12 -6.99
CA ASP A 422 -13.25 29.20 -7.75
C ASP A 422 -13.08 29.75 -9.16
N PRO A 423 -11.83 29.87 -9.63
CA PRO A 423 -11.62 30.54 -10.92
C PRO A 423 -11.71 29.63 -12.13
N LEU A 424 -12.10 28.38 -11.95
CA LEU A 424 -12.23 27.46 -13.10
C LEU A 424 -13.67 27.04 -13.33
N PRO A 425 -14.02 26.68 -14.56
CA PRO A 425 -15.35 26.28 -14.98
C PRO A 425 -15.61 24.74 -14.86
N ILE A 426 -14.63 23.99 -14.40
CA ILE A 426 -14.75 22.56 -14.29
C ILE A 426 -15.25 22.23 -12.88
N PRO A 427 -16.28 21.42 -12.79
CA PRO A 427 -16.76 20.89 -11.51
C PRO A 427 -15.70 20.12 -10.70
N PHE A 428 -15.74 20.29 -9.39
CA PHE A 428 -14.79 19.66 -8.47
C PHE A 428 -14.68 18.13 -8.54
N GLU A 429 -15.75 17.42 -8.81
CA GLU A 429 -15.64 15.97 -8.82
C GLU A 429 -15.72 15.47 -10.28
N ASP A 430 -15.45 16.32 -11.25
CA ASP A 430 -15.38 15.84 -12.61
C ASP A 430 -14.29 14.76 -12.72
N PRO A 431 -14.62 13.58 -13.26
CA PRO A 431 -13.64 12.53 -13.50
C PRO A 431 -12.56 12.88 -14.52
N GLU A 432 -11.45 12.17 -14.44
CA GLU A 432 -10.32 12.42 -15.26
C GLU A 432 -10.51 11.96 -16.72
N PRO A 433 -9.70 12.49 -17.66
CA PRO A 433 -9.79 11.94 -19.01
C PRO A 433 -9.25 10.55 -19.09
N GLN A 434 -9.64 9.82 -20.14
CA GLN A 434 -9.18 8.50 -20.42
C GLN A 434 -9.08 8.38 -21.94
N VAL A 435 -8.05 9.01 -22.51
CA VAL A 435 -8.00 9.22 -23.92
C VAL A 435 -6.85 8.42 -24.53
N THR A 436 -7.11 7.85 -25.71
CA THR A 436 -6.02 7.27 -26.51
C THR A 436 -6.16 7.50 -28.03
N THR A 437 -5.07 7.65 -28.75
CA THR A 437 -5.08 7.31 -30.15
C THR A 437 -4.24 6.05 -30.26
N LEU A 438 -4.82 4.98 -30.80
CA LEU A 438 -4.19 3.67 -30.78
C LEU A 438 -3.15 3.56 -31.82
N PHE A 439 -2.19 2.71 -31.56
CA PHE A 439 -1.11 2.37 -32.46
C PHE A 439 -1.52 2.28 -33.94
N GLN A 440 -0.77 2.96 -34.82
CA GLN A 440 -0.90 2.78 -36.27
C GLN A 440 0.45 2.81 -36.94
N PRO A 441 0.54 2.33 -38.18
CA PRO A 441 1.83 2.47 -38.90
C PRO A 441 2.49 3.84 -38.88
N SER A 442 1.73 4.91 -39.07
CA SER A 442 2.31 6.25 -38.99
C SER A 442 2.56 6.81 -37.59
N HIS A 443 2.02 6.18 -36.55
CA HIS A 443 2.33 6.50 -35.17
C HIS A 443 2.41 5.20 -34.35
N PRO A 444 3.46 4.42 -34.54
CA PRO A 444 3.53 3.05 -33.98
C PRO A 444 3.89 3.04 -32.50
N TRP A 445 3.03 3.62 -31.69
CA TRP A 445 3.14 3.60 -30.26
C TRP A 445 1.77 3.66 -29.69
N HIS A 446 1.63 3.12 -28.52
CA HIS A 446 0.36 3.28 -27.81
C HIS A 446 0.36 4.52 -27.05
N THR A 447 -0.79 5.08 -26.82
CA THR A 447 -0.93 6.31 -26.03
C THR A 447 -1.95 6.19 -24.92
N GLN A 448 -1.73 6.82 -23.76
CA GLN A 448 -2.74 6.97 -22.72
C GLN A 448 -2.62 8.34 -22.18
N ILE A 449 -3.73 9.03 -22.15
CA ILE A 449 -3.79 10.41 -21.77
C ILE A 449 -4.87 10.61 -20.76
N GLY A 450 -4.52 11.16 -19.63
CA GLY A 450 -5.46 11.36 -18.59
C GLY A 450 -4.99 11.61 -17.19
N ARG A 451 -5.24 10.63 -16.32
CA ARG A 451 -4.63 10.56 -14.99
C ARG A 451 -4.45 9.10 -14.63
N ASP A 452 -3.21 8.64 -14.57
CA ASP A 452 -2.95 7.28 -14.19
C ASP A 452 -2.67 7.31 -12.69
N ALA A 453 -2.98 6.25 -11.94
CA ALA A 453 -2.76 6.27 -10.47
C ALA A 453 -1.31 6.07 -10.11
N PHE A 454 -0.54 5.48 -11.03
CA PHE A 454 0.92 5.36 -10.88
C PHE A 454 1.68 6.65 -11.17
N SER A 455 1.55 7.63 -10.30
CA SER A 455 2.43 8.80 -10.36
C SER A 455 3.85 8.46 -10.01
N TYR A 456 4.75 9.28 -10.56
CA TYR A 456 6.17 8.94 -10.52
C TYR A 456 6.98 9.91 -9.63
N GLY A 457 6.44 11.07 -9.29
CA GLY A 457 7.15 12.02 -8.39
C GLY A 457 6.23 12.47 -7.25
N ALA A 458 6.76 13.27 -6.34
CA ALA A 458 6.01 13.71 -5.19
C ALA A 458 4.81 14.41 -5.73
N VAL A 459 3.70 14.31 -5.02
CA VAL A 459 2.47 14.87 -5.52
C VAL A 459 2.52 16.34 -5.29
N GLN A 460 2.44 17.09 -6.37
CA GLN A 460 2.52 18.53 -6.29
C GLN A 460 1.20 19.16 -5.90
N GLN A 461 1.20 20.21 -5.11
CA GLN A 461 -0.10 20.74 -4.77
C GLN A 461 -0.40 22.12 -5.25
N SER A 462 0.55 22.78 -5.86
CA SER A 462 0.38 24.22 -6.07
C SER A 462 -0.44 24.49 -7.30
N ILE A 463 -0.61 23.50 -8.17
CA ILE A 463 -1.41 23.64 -9.34
C ILE A 463 -2.64 22.77 -9.19
N ASP A 464 -3.77 23.29 -9.59
CA ASP A 464 -5.05 22.57 -9.49
C ASP A 464 -5.13 21.25 -10.27
N SER A 465 -5.55 20.17 -9.62
CA SER A 465 -5.53 18.88 -10.25
C SER A 465 -6.42 18.85 -11.48
N ARG A 466 -7.46 19.72 -11.53
CA ARG A 466 -8.36 19.76 -12.66
C ARG A 466 -7.67 20.13 -13.93
N LEU A 467 -6.52 20.78 -13.84
CA LEU A 467 -5.83 21.30 -15.00
C LEU A 467 -4.81 20.31 -15.55
N ILE A 468 -4.51 19.26 -14.79
CA ILE A 468 -3.37 18.39 -15.06
C ILE A 468 -3.82 17.24 -15.89
N VAL A 469 -3.11 17.03 -16.98
CA VAL A 469 -3.30 15.89 -17.82
C VAL A 469 -1.95 15.12 -17.94
N ASP A 470 -1.98 13.79 -17.71
CA ASP A 470 -0.87 12.85 -17.92
C ASP A 470 -0.83 12.33 -19.35
N TRP A 471 0.39 12.06 -19.79
CA TRP A 471 0.75 11.55 -21.07
C TRP A 471 1.70 10.36 -20.89
N ARG A 472 1.33 9.17 -21.39
CA ARG A 472 2.19 8.03 -21.41
C ARG A 472 2.14 7.42 -22.75
N PHE A 473 3.25 7.43 -23.46
CA PHE A 473 3.32 6.83 -24.76
C PHE A 473 4.20 5.60 -24.58
N PHE A 474 3.78 4.49 -25.20
CA PHE A 474 4.54 3.25 -25.13
C PHE A 474 4.95 2.74 -26.52
N GLY A 475 6.27 2.49 -26.65
CA GLY A 475 6.92 1.91 -27.84
C GLY A 475 6.86 0.37 -28.04
N ARG A 476 7.15 -0.08 -29.25
CA ARG A 476 7.22 -1.51 -29.55
C ARG A 476 8.67 -1.81 -29.69
N THR A 477 9.04 -2.93 -29.09
CA THR A 477 10.41 -3.35 -29.09
C THR A 477 10.62 -4.61 -29.96
N GLU A 478 11.50 -4.50 -30.93
CA GLU A 478 11.86 -5.63 -31.75
C GLU A 478 12.50 -6.76 -30.93
N PRO A 479 12.00 -7.96 -31.11
CA PRO A 479 12.62 -9.13 -30.47
C PRO A 479 13.96 -9.42 -31.06
N LYS A 480 14.96 -9.44 -30.22
CA LYS A 480 16.30 -9.83 -30.65
C LYS A 480 16.89 -10.95 -29.75
N GLU A 481 17.55 -11.93 -30.37
CA GLU A 481 18.17 -13.03 -29.61
C GLU A 481 19.14 -12.55 -28.48
N GLU A 482 19.91 -11.49 -28.72
CA GLU A 482 20.88 -11.02 -27.71
C GLU A 482 20.18 -10.54 -26.42
N ASN A 483 18.88 -10.29 -26.45
CA ASN A 483 18.19 -9.67 -25.31
C ASN A 483 17.58 -10.79 -24.51
N LYS A 484 18.08 -10.90 -23.30
CA LYS A 484 17.91 -12.10 -22.47
C LYS A 484 17.51 -11.81 -21.06
N LEU A 485 16.73 -12.75 -20.55
CA LEU A 485 16.42 -12.89 -19.13
C LEU A 485 17.06 -14.21 -18.77
N TRP A 486 18.11 -14.14 -17.96
CA TRP A 486 18.69 -15.41 -17.44
C TRP A 486 18.70 -15.55 -15.95
N PHE A 487 19.09 -16.72 -15.43
CA PHE A 487 19.00 -16.96 -13.98
C PHE A 487 20.34 -17.50 -13.40
N SER A 488 20.78 -16.96 -12.28
CA SER A 488 22.11 -17.22 -11.77
C SER A 488 22.18 -18.66 -11.26
N ASP A 489 23.31 -19.31 -11.41
CA ASP A 489 23.55 -20.65 -10.78
C ASP A 489 24.34 -20.50 -9.50
N LYS A 490 24.31 -19.34 -8.87
CA LYS A 490 25.03 -19.12 -7.63
C LYS A 490 24.20 -18.28 -6.70
N ILE A 491 23.73 -17.12 -7.18
CA ILE A 491 22.88 -16.24 -6.36
C ILE A 491 21.43 -16.67 -6.43
N THR A 492 20.73 -16.58 -5.31
CA THR A 492 19.29 -16.79 -5.25
C THR A 492 18.58 -15.54 -4.80
N ASP A 493 17.30 -15.44 -5.15
CA ASP A 493 16.41 -14.37 -4.67
C ASP A 493 15.86 -14.74 -3.27
N ALA A 494 14.88 -13.99 -2.79
CA ALA A 494 14.37 -14.16 -1.42
C ALA A 494 13.55 -15.41 -1.15
N TYR A 495 13.17 -16.12 -2.22
CA TYR A 495 12.44 -17.37 -2.10
C TYR A 495 13.38 -18.53 -2.49
N ASN A 496 14.68 -18.30 -2.40
CA ASN A 496 15.69 -19.34 -2.61
C ASN A 496 15.53 -19.96 -4.01
N MET A 497 15.29 -19.11 -5.01
CA MET A 497 15.21 -19.49 -6.40
C MET A 497 16.29 -18.76 -7.20
N PRO A 498 16.65 -19.32 -8.34
CA PRO A 498 17.81 -18.69 -8.99
C PRO A 498 17.56 -17.22 -9.34
N GLN A 499 18.56 -16.36 -9.05
CA GLN A 499 18.34 -14.90 -9.18
C GLN A 499 18.12 -14.45 -10.63
N PRO A 500 17.00 -13.82 -10.92
CA PRO A 500 16.87 -13.23 -12.28
C PRO A 500 17.88 -12.16 -12.65
N THR A 501 18.41 -12.23 -13.85
CA THR A 501 19.33 -11.26 -14.34
C THR A 501 18.91 -10.94 -15.79
N PHE A 502 18.92 -9.63 -16.12
CA PHE A 502 18.68 -9.17 -17.45
C PHE A 502 19.97 -8.86 -18.18
N ASP A 503 19.99 -9.17 -19.45
CA ASP A 503 20.96 -8.63 -20.37
C ASP A 503 20.15 -7.98 -21.50
N PHE A 504 19.96 -6.66 -21.38
CA PHE A 504 19.02 -5.99 -22.27
C PHE A 504 19.46 -4.64 -22.72
N ARG A 505 19.37 -4.37 -24.03
CA ARG A 505 19.37 -3.03 -24.54
C ARG A 505 18.23 -2.88 -25.58
N PHE A 506 17.61 -1.73 -25.64
CA PHE A 506 16.66 -1.53 -26.70
C PHE A 506 17.46 -1.59 -27.98
N PRO A 507 16.96 -2.35 -28.99
CA PRO A 507 17.70 -2.55 -30.26
C PRO A 507 17.98 -1.21 -30.94
N ALA A 508 19.16 -1.07 -31.52
CA ALA A 508 19.72 0.19 -32.03
C ALA A 508 19.02 0.75 -33.24
N GLY A 509 18.28 -0.10 -33.94
CA GLY A 509 17.66 0.32 -35.19
C GLY A 509 16.27 0.95 -35.05
N ARG A 510 15.29 0.28 -35.66
CA ARG A 510 13.90 0.77 -35.70
C ARG A 510 13.33 0.99 -34.28
N THR A 511 13.68 0.16 -33.34
CA THR A 511 13.17 0.33 -31.96
C THR A 511 13.52 1.64 -31.34
N SER A 512 14.80 2.01 -31.51
CA SER A 512 15.36 3.17 -30.95
C SER A 512 14.90 4.41 -31.70
N LYS A 513 14.99 4.41 -33.03
CA LYS A 513 14.40 5.47 -33.87
C LYS A 513 12.92 5.76 -33.46
N GLU A 514 12.11 4.71 -33.30
CA GLU A 514 10.67 4.86 -32.99
C GLU A 514 10.45 5.41 -31.59
N ALA A 515 11.32 5.05 -30.68
CA ALA A 515 11.24 5.48 -29.31
C ALA A 515 11.47 6.99 -29.21
N GLU A 516 12.45 7.49 -29.97
CA GLU A 516 12.73 8.90 -29.99
C GLU A 516 11.63 9.63 -30.73
N ASP A 517 11.15 9.12 -31.90
CA ASP A 517 10.00 9.71 -32.63
C ASP A 517 8.76 9.79 -31.76
N MET A 518 8.58 8.74 -30.97
CA MET A 518 7.52 8.66 -29.93
C MET A 518 7.63 9.78 -28.89
N MET A 519 8.83 9.99 -28.39
CA MET A 519 9.06 11.12 -27.50
C MET A 519 8.67 12.47 -28.10
N THR A 520 9.09 12.74 -29.32
CA THR A 520 8.78 13.96 -29.99
C THR A 520 7.29 14.07 -30.23
N ASP A 521 6.66 12.95 -30.55
CA ASP A 521 5.23 12.90 -30.76
C ASP A 521 4.45 13.25 -29.51
N MET A 522 4.95 12.89 -28.35
CA MET A 522 4.25 13.25 -27.12
C MET A 522 4.38 14.76 -26.87
N CYS A 523 5.56 15.30 -27.18
CA CYS A 523 5.86 16.73 -26.98
C CYS A 523 4.95 17.52 -27.91
N VAL A 524 4.77 17.02 -29.16
CA VAL A 524 4.01 17.74 -30.18
C VAL A 524 2.55 17.73 -29.80
N MET A 525 2.10 16.55 -29.43
CA MET A 525 0.68 16.28 -29.18
C MET A 525 0.27 16.93 -27.89
N SER A 526 1.07 16.77 -26.83
CA SER A 526 0.65 17.30 -25.49
C SER A 526 0.49 18.81 -25.50
N ALA A 527 1.20 19.43 -26.41
CA ALA A 527 1.27 20.86 -26.55
C ALA A 527 -0.03 21.45 -27.03
N LYS A 528 -0.82 20.62 -27.72
CA LYS A 528 -2.13 20.98 -28.19
C LYS A 528 -3.05 21.24 -27.02
N ILE A 529 -2.76 20.61 -25.86
CA ILE A 529 -3.60 20.69 -24.66
C ILE A 529 -3.05 21.74 -23.67
N GLY A 530 -1.74 21.80 -23.53
CA GLY A 530 -1.11 22.74 -22.59
C GLY A 530 0.38 22.45 -22.51
N GLY A 531 1.07 23.36 -21.85
CA GLY A 531 2.49 23.26 -21.56
C GLY A 531 2.78 22.26 -20.45
N PHE A 532 3.98 21.77 -20.42
CA PHE A 532 4.44 20.84 -19.44
C PHE A 532 4.31 21.36 -18.04
N LEU A 533 3.96 20.44 -17.14
CA LEU A 533 3.99 20.73 -15.70
C LEU A 533 5.40 20.58 -15.13
N PRO A 534 5.98 21.65 -14.56
CA PRO A 534 7.34 21.52 -13.95
C PRO A 534 7.35 20.43 -12.89
N GLY A 535 8.42 19.66 -12.78
CA GLY A 535 8.51 18.41 -12.04
C GLY A 535 7.98 17.21 -12.79
N SER A 536 7.25 17.38 -13.91
CA SER A 536 6.81 16.27 -14.73
C SER A 536 7.07 16.59 -16.23
N LEU A 537 8.30 16.87 -16.52
CA LEU A 537 8.77 17.27 -17.85
C LEU A 537 8.95 16.00 -18.71
N PRO A 538 8.95 16.10 -20.01
CA PRO A 538 9.03 14.86 -20.83
C PRO A 538 10.29 14.09 -20.59
N GLN A 539 10.14 12.78 -20.33
CA GLN A 539 11.25 11.97 -19.99
C GLN A 539 10.97 10.52 -20.33
N PHE A 540 12.02 9.75 -20.50
CA PHE A 540 11.88 8.31 -20.64
C PHE A 540 11.88 7.80 -19.21
N MET A 541 11.02 6.83 -18.92
CA MET A 541 11.00 6.16 -17.64
C MET A 541 12.02 5.02 -17.57
N GLU A 542 12.29 4.54 -16.35
CA GLU A 542 13.37 3.58 -16.13
C GLU A 542 13.05 2.37 -16.99
N PRO A 543 14.03 1.72 -17.61
CA PRO A 543 13.65 0.59 -18.48
C PRO A 543 12.94 -0.49 -17.74
N GLY A 544 11.72 -0.77 -18.18
CA GLY A 544 10.89 -1.70 -17.49
C GLY A 544 9.91 -1.26 -16.46
N LEU A 545 9.94 -0.01 -16.02
CA LEU A 545 8.91 0.46 -15.13
C LEU A 545 7.50 0.24 -15.63
N CYS A 546 7.33 0.17 -16.92
CA CYS A 546 6.05 -0.02 -17.58
C CYS A 546 5.49 -1.44 -17.49
N LEU A 547 6.33 -2.44 -17.18
CA LEU A 547 5.82 -3.77 -16.77
C LEU A 547 5.03 -4.50 -17.87
N HIS A 548 5.52 -4.40 -19.09
CA HIS A 548 4.89 -5.02 -20.26
C HIS A 548 5.83 -6.02 -20.88
N LEU A 549 6.71 -6.59 -20.05
CA LEU A 549 7.72 -7.54 -20.57
C LEU A 549 7.03 -8.69 -21.31
N GLY A 550 7.53 -9.07 -22.47
CA GLY A 550 7.04 -10.21 -23.19
C GLY A 550 8.15 -11.02 -23.80
N GLY A 551 7.77 -12.14 -24.42
CA GLY A 551 8.68 -12.86 -25.25
C GLY A 551 9.74 -13.71 -24.55
N THR A 552 9.61 -13.82 -23.23
CA THR A 552 10.48 -14.61 -22.37
C THR A 552 10.27 -16.14 -22.54
N HIS A 553 9.11 -16.51 -23.07
CA HIS A 553 8.73 -17.91 -23.36
C HIS A 553 7.76 -17.96 -24.51
N ARG A 554 8.33 -17.53 -25.65
CA ARG A 554 7.56 -16.99 -26.74
C ARG A 554 6.85 -18.04 -27.57
N MET A 555 5.73 -17.60 -28.09
CA MET A 555 4.85 -18.38 -28.99
C MET A 555 5.24 -18.33 -30.46
N GLY A 556 5.10 -19.44 -31.16
CA GLY A 556 5.13 -19.40 -32.62
C GLY A 556 4.76 -20.79 -33.18
N PHE A 557 4.77 -20.94 -34.48
CA PHE A 557 4.29 -22.17 -35.13
C PHE A 557 5.28 -23.35 -35.00
N ASP A 558 6.57 -23.07 -35.10
CA ASP A 558 7.67 -24.04 -35.21
C ASP A 558 8.82 -23.65 -34.26
N GLU A 559 9.04 -24.46 -33.23
CA GLU A 559 10.13 -24.20 -32.30
C GLU A 559 11.40 -23.68 -32.93
N LYS A 560 11.93 -24.33 -33.95
CA LYS A 560 13.18 -23.86 -34.55
C LYS A 560 13.09 -22.68 -35.49
N GLU A 561 12.17 -22.79 -36.44
CA GLU A 561 12.05 -21.79 -37.50
C GLU A 561 11.65 -20.47 -36.87
N ASP A 562 10.70 -20.50 -35.95
CA ASP A 562 10.20 -19.28 -35.26
C ASP A 562 10.81 -19.00 -33.86
N ASN A 563 11.91 -19.68 -33.53
CA ASN A 563 12.74 -19.38 -32.35
C ASN A 563 11.85 -19.25 -31.13
N CYS A 564 11.14 -20.31 -30.79
CA CYS A 564 10.11 -20.19 -29.74
C CYS A 564 9.99 -21.42 -28.83
N CYS A 565 9.02 -21.34 -27.91
CA CYS A 565 8.96 -22.19 -26.74
C CYS A 565 7.65 -22.81 -26.62
N VAL A 566 6.59 -22.08 -27.03
CA VAL A 566 5.25 -22.61 -27.07
C VAL A 566 4.63 -22.39 -28.46
N ASN A 567 3.75 -23.32 -28.82
CA ASN A 567 2.91 -23.30 -30.05
C ASN A 567 1.65 -22.51 -29.81
N THR A 568 0.72 -22.50 -30.79
CA THR A 568 -0.40 -21.54 -30.73
C THR A 568 -1.54 -21.97 -29.79
N ASP A 569 -1.37 -23.12 -29.17
CA ASP A 569 -2.29 -23.64 -28.10
C ASP A 569 -1.66 -23.39 -26.73
N SER A 570 -0.50 -22.74 -26.78
CA SER A 570 0.31 -22.35 -25.61
C SER A 570 0.98 -23.58 -24.95
N ARG A 571 1.20 -24.61 -25.72
CA ARG A 571 1.71 -25.84 -25.19
C ARG A 571 3.22 -25.84 -25.44
N VAL A 572 3.99 -26.20 -24.41
CA VAL A 572 5.41 -26.29 -24.53
C VAL A 572 5.68 -27.47 -25.48
N PHE A 573 6.42 -27.17 -26.54
CA PHE A 573 6.70 -28.11 -27.59
C PHE A 573 7.24 -29.41 -27.09
N GLY A 574 6.73 -30.56 -27.56
CA GLY A 574 7.25 -31.82 -27.03
C GLY A 574 6.48 -32.33 -25.81
N PHE A 575 5.84 -31.43 -25.09
CA PHE A 575 5.20 -31.76 -23.81
C PHE A 575 3.69 -31.88 -23.97
N LYS A 576 3.13 -33.00 -23.58
CA LYS A 576 1.72 -33.18 -23.82
C LYS A 576 0.89 -32.33 -22.88
N ASN A 577 1.40 -32.05 -21.69
CA ASN A 577 0.53 -31.57 -20.61
C ASN A 577 1.07 -30.36 -19.88
N LEU A 578 1.96 -29.61 -20.55
CA LEU A 578 2.55 -28.35 -19.98
C LEU A 578 2.21 -27.11 -20.87
N PHE A 579 1.49 -26.19 -20.26
CA PHE A 579 1.07 -25.00 -20.93
C PHE A 579 1.61 -23.79 -20.16
N LEU A 580 2.02 -22.74 -20.89
CA LEU A 580 2.33 -21.47 -20.30
C LEU A 580 1.27 -20.41 -20.73
N GLY A 581 0.79 -19.63 -19.76
CA GLY A 581 0.05 -18.40 -20.07
C GLY A 581 0.70 -17.09 -19.60
N GLY A 582 0.39 -16.00 -20.32
CA GLY A 582 0.85 -14.66 -19.99
C GLY A 582 1.63 -13.96 -21.09
N CYS A 583 2.09 -12.72 -20.80
CA CYS A 583 2.68 -11.88 -21.82
C CYS A 583 4.00 -12.47 -22.28
N GLY A 584 4.52 -13.41 -21.48
CA GLY A 584 5.76 -14.12 -21.89
C GLY A 584 5.57 -14.85 -23.22
N ASN A 585 4.34 -15.24 -23.52
CA ASN A 585 4.04 -15.89 -24.81
C ASN A 585 4.18 -14.96 -26.05
N ILE A 586 3.91 -13.68 -25.87
CA ILE A 586 3.74 -12.78 -27.01
C ILE A 586 5.08 -12.59 -27.67
N PRO A 587 5.21 -12.96 -28.96
CA PRO A 587 6.50 -12.94 -29.63
C PRO A 587 6.83 -11.72 -30.47
N THR A 588 5.85 -10.80 -30.60
CA THR A 588 5.99 -9.69 -31.51
C THR A 588 6.47 -8.38 -30.82
N ALA A 589 6.72 -7.36 -31.62
CA ALA A 589 6.94 -6.05 -31.10
C ALA A 589 5.60 -5.34 -30.91
N TYR A 590 5.20 -5.15 -29.66
CA TYR A 590 3.89 -4.53 -29.36
C TYR A 590 4.08 -3.26 -28.50
N GLY A 591 3.27 -2.23 -28.78
CA GLY A 591 3.26 -1.05 -27.91
C GLY A 591 2.04 -0.94 -27.02
N ALA A 592 0.94 -1.53 -27.43
CA ALA A 592 -0.28 -1.50 -26.68
C ALA A 592 -0.13 -2.38 -25.42
N ASN A 593 -0.98 -2.18 -24.41
CA ASN A 593 -0.94 -2.97 -23.20
C ASN A 593 -1.29 -4.45 -23.48
N PRO A 594 -0.47 -5.37 -23.00
CA PRO A 594 -0.56 -6.79 -23.42
C PRO A 594 -1.61 -7.68 -22.81
N THR A 595 -2.28 -7.33 -21.75
CA THR A 595 -2.92 -8.33 -20.97
C THR A 595 -4.07 -9.02 -21.71
N LEU A 596 -4.82 -8.23 -22.41
CA LEU A 596 -5.98 -8.77 -23.15
C LEU A 596 -5.54 -9.73 -24.26
N THR A 597 -4.47 -9.41 -24.95
CA THR A 597 -3.86 -10.32 -25.88
C THR A 597 -3.40 -11.65 -25.20
N ALA A 598 -2.68 -11.56 -24.08
CA ALA A 598 -2.40 -12.74 -23.26
C ALA A 598 -3.65 -13.54 -22.92
N MET A 599 -4.72 -12.87 -22.45
CA MET A 599 -5.92 -13.56 -22.09
C MET A 599 -6.44 -14.29 -23.33
N SER A 600 -6.39 -13.58 -24.45
CA SER A 600 -6.89 -14.11 -25.65
C SER A 600 -6.15 -15.41 -25.97
N LEU A 601 -4.83 -15.41 -25.84
CA LEU A 601 -4.08 -16.65 -26.09
C LEU A 601 -4.43 -17.80 -25.07
N ALA A 602 -4.62 -17.41 -23.81
CA ALA A 602 -4.99 -18.34 -22.75
C ALA A 602 -6.38 -18.95 -23.08
N ILE A 603 -7.32 -18.15 -23.62
CA ILE A 603 -8.64 -18.78 -24.00
C ILE A 603 -8.44 -19.85 -25.08
N LYS A 604 -7.63 -19.52 -26.07
CA LYS A 604 -7.37 -20.51 -27.08
C LYS A 604 -6.73 -21.75 -26.41
N SER A 605 -5.85 -21.50 -25.44
CA SER A 605 -5.13 -22.60 -24.80
C SER A 605 -6.12 -23.48 -24.00
N CYS A 606 -7.03 -22.89 -23.22
CA CYS A 606 -8.17 -23.67 -22.59
C CYS A 606 -9.01 -24.53 -23.53
N GLU A 607 -9.23 -24.01 -24.74
CA GLU A 607 -9.99 -24.77 -25.75
C GLU A 607 -9.25 -26.09 -26.07
N TYR A 608 -7.92 -26.04 -26.31
CA TYR A 608 -7.09 -27.23 -26.62
C TYR A 608 -7.18 -28.23 -25.48
N ILE A 609 -7.22 -27.71 -24.26
CA ILE A 609 -7.28 -28.60 -23.05
C ILE A 609 -8.62 -29.31 -22.95
N LYS A 610 -9.71 -28.56 -23.25
CA LYS A 610 -11.04 -29.14 -23.18
C LYS A 610 -11.17 -30.20 -24.28
N GLN A 611 -10.38 -30.04 -25.32
CA GLN A 611 -10.44 -30.93 -26.46
C GLN A 611 -9.57 -32.17 -26.26
N ASN A 612 -8.74 -32.13 -25.26
CA ASN A 612 -7.76 -33.20 -25.17
C ASN A 612 -7.61 -33.85 -23.82
N PHE A 613 -8.31 -33.37 -22.81
CA PHE A 613 -8.27 -33.97 -21.50
C PHE A 613 -9.66 -34.06 -20.96
N THR A 614 -9.95 -35.15 -20.28
CA THR A 614 -11.25 -35.34 -19.76
C THR A 614 -11.25 -35.09 -18.30
N PRO A 615 -12.23 -34.31 -17.82
CA PRO A 615 -12.38 -34.07 -16.36
C PRO A 615 -12.65 -35.38 -15.61
N SER A 616 -12.19 -35.46 -14.36
CA SER A 616 -12.48 -36.60 -13.52
C SER A 616 -13.99 -36.61 -13.25
N PRO A 617 -14.60 -37.79 -13.15
CA PRO A 617 -16.00 -37.70 -12.75
C PRO A 617 -16.05 -37.16 -11.31
N PHE A 618 -17.02 -36.30 -11.02
CA PHE A 618 -17.24 -35.76 -9.66
C PHE A 618 -16.70 -36.59 -8.47
N MET B 43 -28.92 -6.67 8.93
CA MET B 43 -28.62 -5.63 9.97
C MET B 43 -29.89 -5.15 10.68
N ASP B 44 -30.00 -5.52 11.95
CA ASP B 44 -31.24 -5.39 12.71
C ASP B 44 -31.55 -3.95 13.04
N ILE B 45 -32.77 -3.78 13.58
CA ILE B 45 -33.23 -2.52 14.11
C ILE B 45 -32.41 -2.24 15.39
N LYS B 46 -32.23 -3.30 16.22
CA LYS B 46 -31.78 -3.16 17.63
C LYS B 46 -30.71 -4.16 18.15
N TYR B 47 -29.78 -3.57 18.90
CA TYR B 47 -28.60 -4.24 19.47
C TYR B 47 -28.41 -3.83 20.95
N ASP B 48 -27.63 -4.62 21.70
CA ASP B 48 -27.33 -4.28 23.09
C ASP B 48 -26.34 -3.17 23.10
N VAL B 49 -25.30 -3.39 22.28
CA VAL B 49 -24.14 -2.51 22.16
C VAL B 49 -23.91 -2.22 20.68
N VAL B 50 -23.71 -0.93 20.37
CA VAL B 50 -23.09 -0.60 19.06
C VAL B 50 -21.74 0.10 19.30
N ILE B 51 -20.76 -0.32 18.53
CA ILE B 51 -19.39 0.19 18.59
C ILE B 51 -19.06 0.83 17.23
N VAL B 52 -18.70 2.12 17.27
CA VAL B 52 -18.22 2.86 16.11
C VAL B 52 -16.72 2.74 16.00
N GLY B 53 -16.24 1.98 15.02
CA GLY B 53 -14.76 1.89 14.76
C GLY B 53 -14.27 0.51 15.10
N SER B 54 -13.57 -0.12 14.18
CA SER B 54 -13.06 -1.48 14.35
C SER B 54 -11.57 -1.53 14.62
N GLY B 55 -11.06 -0.45 15.19
CA GLY B 55 -9.65 -0.34 15.51
C GLY B 55 -9.41 -1.19 16.73
N PRO B 56 -8.20 -1.18 17.27
CA PRO B 56 -7.92 -2.08 18.38
C PRO B 56 -8.73 -1.66 19.59
N ILE B 57 -9.12 -0.40 19.70
CA ILE B 57 -9.85 -0.04 20.94
C ILE B 57 -11.31 -0.57 20.86
N GLY B 58 -11.95 -0.39 19.70
CA GLY B 58 -13.29 -0.87 19.44
C GLY B 58 -13.22 -2.39 19.59
N CYS B 59 -12.11 -3.01 19.14
CA CYS B 59 -11.90 -4.41 19.31
C CYS B 59 -11.72 -4.81 20.77
N THR B 60 -11.28 -3.88 21.64
CA THR B 60 -11.17 -4.19 23.06
C THR B 60 -12.62 -4.32 23.64
N TYR B 61 -13.47 -3.38 23.30
CA TYR B 61 -14.88 -3.44 23.68
C TYR B 61 -15.59 -4.72 23.12
N ALA B 62 -15.29 -5.08 21.89
CA ALA B 62 -15.94 -6.24 21.27
C ALA B 62 -15.53 -7.52 21.97
N ARG B 63 -14.24 -7.64 22.25
CA ARG B 63 -13.77 -8.83 22.95
C ARG B 63 -14.46 -8.97 24.30
N GLU B 64 -14.42 -7.92 25.09
CA GLU B 64 -15.06 -7.95 26.41
C GLU B 64 -16.57 -8.18 26.38
N LEU B 65 -17.26 -7.43 25.53
CA LEU B 65 -18.77 -7.41 25.57
C LEU B 65 -19.39 -8.61 24.82
N VAL B 66 -18.82 -8.99 23.71
CA VAL B 66 -19.28 -10.23 23.02
C VAL B 66 -19.04 -11.48 23.87
N GLY B 67 -17.91 -11.47 24.59
CA GLY B 67 -17.50 -12.55 25.42
C GLY B 67 -18.40 -12.68 26.64
N ALA B 68 -18.95 -11.53 27.06
CA ALA B 68 -19.88 -11.44 28.18
C ALA B 68 -21.33 -11.61 27.76
N GLY B 69 -21.58 -11.88 26.48
CA GLY B 69 -22.93 -12.32 26.02
C GLY B 69 -23.84 -11.24 25.52
N TYR B 70 -23.29 -10.08 25.27
CA TYR B 70 -24.09 -8.99 24.67
C TYR B 70 -24.25 -9.14 23.16
N LYS B 71 -25.36 -8.61 22.65
CA LYS B 71 -25.59 -8.60 21.21
C LYS B 71 -24.92 -7.36 20.63
N VAL B 72 -23.83 -7.59 19.88
CA VAL B 72 -22.93 -6.49 19.52
C VAL B 72 -22.98 -6.25 18.02
N ALA B 73 -23.20 -4.98 17.64
CA ALA B 73 -22.94 -4.49 16.29
C ALA B 73 -21.76 -3.60 16.31
N MET B 74 -20.88 -3.73 15.30
CA MET B 74 -19.74 -2.79 15.09
C MET B 74 -19.74 -2.29 13.65
N PHE B 75 -19.67 -0.97 13.52
CA PHE B 75 -19.72 -0.27 12.25
C PHE B 75 -18.29 0.36 11.97
N ASP B 76 -17.76 0.20 10.76
CA ASP B 76 -16.55 0.91 10.33
C ASP B 76 -16.76 1.55 8.93
N ILE B 77 -16.41 2.83 8.85
CA ILE B 77 -16.48 3.61 7.61
C ILE B 77 -15.60 2.99 6.52
N GLY B 78 -14.54 2.29 6.91
CA GLY B 78 -13.67 1.64 5.95
C GLY B 78 -14.09 0.21 5.71
N GLU B 79 -13.30 -0.49 4.92
CA GLU B 79 -13.65 -1.77 4.44
C GLU B 79 -12.65 -2.86 4.85
N ILE B 80 -13.04 -4.12 4.72
CA ILE B 80 -12.10 -5.22 5.00
C ILE B 80 -10.96 -5.25 3.97
N ASP B 81 -9.72 -5.04 4.40
CA ASP B 81 -8.58 -5.29 3.46
C ASP B 81 -7.23 -5.67 4.12
N SER B 82 -7.25 -6.72 4.93
CA SER B 82 -6.02 -7.34 5.39
C SER B 82 -5.92 -8.82 5.00
N GLY B 83 -6.93 -9.37 4.30
CA GLY B 83 -6.94 -10.78 3.86
C GLY B 83 -7.99 -11.47 4.66
N LEU B 84 -7.89 -12.79 4.84
CA LEU B 84 -8.94 -13.58 5.49
C LEU B 84 -9.07 -13.34 7.02
N LYS B 85 -7.96 -12.92 7.65
CA LYS B 85 -7.92 -12.57 9.07
C LYS B 85 -8.35 -11.12 9.12
N ILE B 86 -9.60 -10.90 9.46
CA ILE B 86 -10.17 -9.54 9.40
C ILE B 86 -9.46 -8.65 10.43
N GLY B 87 -9.03 -7.48 9.97
CA GLY B 87 -8.39 -6.44 10.86
C GLY B 87 -6.97 -6.75 11.26
N ALA B 88 -6.32 -7.68 10.55
CA ALA B 88 -4.96 -8.14 10.90
C ALA B 88 -3.89 -7.25 10.34
N HIS B 89 -2.66 -7.37 10.87
CA HIS B 89 -1.56 -6.50 10.45
C HIS B 89 -1.12 -6.88 9.04
N LYS B 90 -0.95 -5.86 8.22
CA LYS B 90 -0.76 -6.02 6.81
C LYS B 90 0.65 -6.42 6.56
N LYS B 91 1.46 -6.25 7.57
CA LYS B 91 2.90 -6.60 7.52
C LYS B 91 3.13 -8.12 7.76
N ASN B 92 2.06 -8.85 8.07
CA ASN B 92 2.14 -10.33 8.31
C ASN B 92 2.10 -11.18 7.04
N THR B 93 2.43 -10.62 5.90
CA THR B 93 2.58 -11.44 4.76
C THR B 93 4.05 -11.83 4.64
N VAL B 94 4.25 -13.02 4.12
CA VAL B 94 5.61 -13.48 3.91
C VAL B 94 6.36 -12.51 3.02
N GLU B 95 5.65 -11.88 2.07
CA GLU B 95 6.29 -10.96 1.13
C GLU B 95 6.83 -9.71 1.84
N TYR B 96 6.08 -9.19 2.79
CA TYR B 96 6.52 -8.02 3.53
C TYR B 96 7.64 -8.32 4.50
N GLN B 97 7.69 -9.53 5.00
CA GLN B 97 8.81 -9.88 5.85
C GLN B 97 10.05 -10.23 5.08
N LYS B 98 9.92 -10.59 3.79
CA LYS B 98 11.09 -10.66 2.93
C LYS B 98 11.42 -9.32 2.29
N ASN B 99 10.57 -8.32 2.42
CA ASN B 99 10.80 -7.03 1.72
C ASN B 99 10.36 -5.86 2.64
N ILE B 100 10.93 -5.78 3.86
CA ILE B 100 10.47 -4.83 4.91
C ILE B 100 10.53 -3.36 4.47
N ASP B 101 11.49 -3.01 3.60
CA ASP B 101 11.53 -1.66 3.05
C ASP B 101 10.29 -1.26 2.20
N LYS B 102 9.50 -2.21 1.75
CA LYS B 102 8.34 -1.82 0.97
C LYS B 102 7.10 -1.43 1.76
N PHE B 103 7.05 -1.86 3.00
CA PHE B 103 5.89 -1.64 3.80
C PHE B 103 5.62 -0.16 4.06
N VAL B 104 6.65 0.68 3.98
CA VAL B 104 6.43 2.17 4.13
C VAL B 104 5.32 2.64 3.19
N ASN B 105 5.27 2.02 2.01
CA ASN B 105 4.22 2.34 1.03
C ASN B 105 2.79 1.95 1.46
N VAL B 106 2.66 0.82 2.13
CA VAL B 106 1.38 0.41 2.66
C VAL B 106 0.91 1.48 3.70
N ILE B 107 1.79 1.92 4.61
CA ILE B 107 1.48 2.96 5.55
C ILE B 107 1.03 4.28 4.85
N GLN B 108 1.84 4.75 3.92
CA GLN B 108 1.54 6.02 3.26
C GLN B 108 0.21 5.94 2.49
N GLY B 109 -0.08 4.78 1.87
CA GLY B 109 -1.31 4.59 1.18
C GLY B 109 -2.54 4.71 2.04
N GLN B 110 -2.44 4.70 3.35
CA GLN B 110 -3.67 4.76 4.16
C GLN B 110 -3.60 5.76 5.29
N LEU B 111 -2.77 6.77 5.08
CA LEU B 111 -2.71 7.92 5.97
C LEU B 111 -3.24 9.08 5.13
N MET B 112 -4.47 9.47 5.41
CA MET B 112 -5.14 10.53 4.69
C MET B 112 -5.10 11.80 5.55
N SER B 113 -4.47 12.85 5.05
CA SER B 113 -4.08 14.02 5.88
C SER B 113 -5.33 14.64 6.46
N VAL B 114 -5.27 15.07 7.72
CA VAL B 114 -6.45 15.61 8.39
C VAL B 114 -6.86 16.99 7.92
N SER B 115 -5.94 17.92 7.93
CA SER B 115 -6.25 19.28 7.52
C SER B 115 -5.06 19.81 6.68
N VAL B 116 -5.29 20.06 5.40
CA VAL B 116 -4.27 20.56 4.50
C VAL B 116 -4.57 22.02 4.25
N PRO B 117 -3.66 22.95 4.61
CA PRO B 117 -3.96 24.33 4.33
C PRO B 117 -3.87 24.66 2.83
N VAL B 118 -4.29 25.88 2.46
CA VAL B 118 -4.23 26.29 1.06
C VAL B 118 -2.78 26.50 0.73
N ASN B 119 -2.40 26.00 -0.42
CA ASN B 119 -1.00 26.00 -0.83
C ASN B 119 -0.64 27.40 -1.39
N THR B 120 0.56 27.91 -1.10
CA THR B 120 1.00 29.23 -1.62
C THR B 120 2.41 29.17 -2.30
N LEU B 121 2.70 28.06 -2.98
CA LEU B 121 3.97 27.93 -3.64
C LEU B 121 3.79 28.58 -5.00
N VAL B 122 4.76 29.39 -5.41
CA VAL B 122 4.75 30.04 -6.72
C VAL B 122 5.36 29.13 -7.78
N VAL B 123 4.59 28.76 -8.79
CA VAL B 123 5.13 28.06 -9.96
C VAL B 123 5.12 29.03 -11.12
N ASP B 124 6.26 29.62 -11.42
CA ASP B 124 6.34 30.63 -12.49
C ASP B 124 7.05 30.17 -13.77
N THR B 125 7.31 28.89 -13.88
CA THR B 125 7.86 28.31 -15.09
C THR B 125 6.83 27.51 -15.87
N LEU B 126 5.54 27.81 -15.71
CA LEU B 126 4.53 27.33 -16.68
C LEU B 126 4.73 27.94 -18.10
N SER B 127 4.38 27.21 -19.12
CA SER B 127 4.31 27.73 -20.40
C SER B 127 3.43 28.95 -20.36
N PRO B 128 3.77 30.03 -21.14
CA PRO B 128 2.77 31.10 -21.36
C PRO B 128 1.40 30.64 -21.79
N THR B 129 1.24 29.53 -22.54
CA THR B 129 -0.12 29.11 -22.93
C THR B 129 -0.95 28.43 -21.78
N SER B 130 -0.32 27.96 -20.71
CA SER B 130 -1.03 27.26 -19.64
C SER B 130 -1.84 28.21 -18.78
N TRP B 131 -3.03 27.79 -18.39
CA TRP B 131 -3.81 28.59 -17.48
C TRP B 131 -3.07 28.83 -16.19
N GLN B 132 -3.10 30.06 -15.71
CA GLN B 132 -2.28 30.42 -14.53
C GLN B 132 -3.11 31.24 -13.59
N ALA B 133 -3.03 30.85 -12.33
CA ALA B 133 -3.70 31.43 -11.19
C ALA B 133 -3.39 32.89 -11.01
N SER B 134 -4.42 33.68 -10.68
CA SER B 134 -4.21 35.11 -10.35
C SER B 134 -4.13 35.27 -8.85
N THR B 135 -4.55 34.24 -8.09
CA THR B 135 -4.51 34.25 -6.61
C THR B 135 -4.24 32.82 -6.14
N PHE B 136 -3.97 32.66 -4.85
CA PHE B 136 -3.84 31.36 -4.25
C PHE B 136 -5.20 30.88 -3.77
N PHE B 137 -6.01 30.41 -4.70
CA PHE B 137 -7.37 29.98 -4.43
C PHE B 137 -7.36 28.59 -3.81
N VAL B 138 -8.51 28.18 -3.26
CA VAL B 138 -8.63 26.90 -2.64
C VAL B 138 -8.61 25.84 -3.69
N ARG B 139 -7.64 24.93 -3.58
CA ARG B 139 -7.39 23.92 -4.62
C ARG B 139 -7.28 22.61 -3.94
N ASN B 140 -7.51 21.54 -4.71
CA ASN B 140 -7.20 20.18 -4.34
C ASN B 140 -7.67 19.82 -2.94
N GLY B 141 -8.90 20.22 -2.66
CA GLY B 141 -9.54 19.93 -1.37
C GLY B 141 -8.85 20.48 -0.13
N SER B 142 -8.00 21.50 -0.28
CA SER B 142 -7.40 22.13 0.89
C SER B 142 -8.49 22.73 1.79
N ASN B 143 -8.09 23.04 3.01
CA ASN B 143 -8.96 23.54 4.06
C ASN B 143 -8.67 25.02 4.28
N PRO B 144 -9.56 25.89 3.78
CA PRO B 144 -9.35 27.34 3.95
C PRO B 144 -9.49 27.83 5.34
N GLU B 145 -10.07 27.03 6.24
CA GLU B 145 -10.11 27.47 7.68
C GLU B 145 -8.74 27.32 8.32
N GLN B 146 -7.85 26.55 7.67
CA GLN B 146 -6.64 26.13 8.36
C GLN B 146 -5.57 27.13 8.30
N ASP B 147 -5.17 27.68 9.44
CA ASP B 147 -3.90 28.48 9.47
C ASP B 147 -2.69 27.56 9.31
N PRO B 148 -1.94 27.76 8.22
CA PRO B 148 -0.80 26.85 7.86
C PRO B 148 0.32 26.75 8.92
N LEU B 149 0.43 27.81 9.70
CA LEU B 149 1.41 27.96 10.73
C LEU B 149 0.91 27.56 12.13
N ARG B 150 -0.31 27.05 12.26
CA ARG B 150 -0.77 26.51 13.55
C ARG B 150 -1.46 25.18 13.32
N ASN B 151 -0.82 24.36 12.53
CA ASN B 151 -1.44 23.13 12.08
C ASN B 151 -0.66 21.92 12.70
N LEU B 152 -1.27 20.75 12.68
CA LEU B 152 -0.54 19.51 12.83
C LEU B 152 -0.63 18.93 11.44
N SER B 153 0.19 19.46 10.54
CA SER B 153 0.14 19.00 9.13
C SER B 153 0.37 17.50 8.93
N GLY B 154 1.10 16.86 9.84
CA GLY B 154 1.38 15.45 9.71
C GLY B 154 0.25 14.56 10.16
N GLN B 155 -0.72 15.16 10.86
CA GLN B 155 -1.89 14.42 11.32
C GLN B 155 -2.63 13.80 10.14
N ALA B 156 -3.08 12.56 10.34
CA ALA B 156 -3.64 11.71 9.31
C ALA B 156 -4.58 10.70 9.95
N VAL B 157 -5.53 10.21 9.17
CA VAL B 157 -6.39 9.16 9.61
C VAL B 157 -6.39 7.93 8.71
N THR B 158 -6.69 6.78 9.29
CA THR B 158 -6.83 5.54 8.51
C THR B 158 -8.23 4.98 8.59
N ARG B 159 -8.86 4.84 7.42
CA ARG B 159 -10.20 4.25 7.30
C ARG B 159 -10.14 2.90 6.62
N VAL B 160 -9.92 1.84 7.42
CA VAL B 160 -9.90 0.47 6.98
C VAL B 160 -10.26 -0.38 8.19
N VAL B 161 -10.76 -1.60 7.98
CA VAL B 161 -11.14 -2.35 9.15
C VAL B 161 -9.89 -2.70 9.92
N GLY B 162 -9.92 -2.55 11.24
CA GLY B 162 -8.73 -2.72 12.03
C GLY B 162 -8.02 -1.38 12.28
N GLY B 163 -8.47 -0.29 11.61
CA GLY B 163 -7.85 1.01 11.81
C GLY B 163 -6.36 1.07 11.60
N MET B 164 -5.69 1.88 12.38
CA MET B 164 -4.26 2.00 12.26
C MET B 164 -3.50 0.75 12.69
N SER B 165 -4.15 -0.14 13.43
CA SER B 165 -3.52 -1.37 13.90
C SER B 165 -3.18 -2.36 12.75
N THR B 166 -3.66 -2.04 11.55
CA THR B 166 -3.29 -2.81 10.39
C THR B 166 -1.88 -2.45 9.88
N HIS B 167 -1.25 -1.41 10.44
CA HIS B 167 0.09 -0.88 9.92
C HIS B 167 1.09 -0.46 11.00
N TRP B 168 0.61 -0.33 12.22
CA TRP B 168 1.42 0.16 13.34
C TRP B 168 2.67 -0.67 13.65
N THR B 169 3.58 -0.02 14.37
CA THR B 169 4.84 -0.63 14.81
C THR B 169 4.73 -1.57 15.98
N CYS B 170 3.54 -1.65 16.59
CA CYS B 170 3.26 -2.60 17.70
C CYS B 170 4.05 -2.37 19.00
N ALA B 171 4.57 -1.16 19.19
CA ALA B 171 5.29 -0.76 20.39
C ALA B 171 4.25 -0.47 21.45
N THR B 172 4.32 -1.21 22.56
CA THR B 172 3.32 -1.08 23.65
C THR B 172 3.92 -0.96 25.03
N PRO B 173 4.63 0.14 25.27
CA PRO B 173 5.07 0.48 26.60
C PRO B 173 3.97 0.94 27.56
N ARG B 174 4.13 0.65 28.85
CA ARG B 174 3.21 1.21 29.89
C ARG B 174 3.67 2.61 30.19
N PHE B 175 2.79 3.47 30.66
CA PHE B 175 3.17 4.79 31.18
C PHE B 175 3.61 4.67 32.62
N ASP B 176 4.68 5.37 33.02
CA ASP B 176 5.04 5.44 34.45
C ASP B 176 4.11 6.50 35.03
N ARG B 177 4.17 6.70 36.34
CA ARG B 177 3.22 7.63 36.98
C ARG B 177 3.21 8.99 36.41
N GLU B 178 4.36 9.49 36.06
CA GLU B 178 4.49 10.88 35.61
C GLU B 178 3.70 11.16 34.32
N GLN B 179 3.48 10.17 33.48
CA GLN B 179 2.71 10.34 32.20
C GLN B 179 1.24 9.85 32.31
N ARG B 180 0.91 9.21 33.44
CA ARG B 180 -0.30 8.38 33.54
C ARG B 180 -1.39 9.18 34.25
N PRO B 181 -2.62 9.16 33.71
CA PRO B 181 -3.72 9.84 34.38
C PRO B 181 -4.13 9.02 35.58
N LEU B 182 -4.64 9.70 36.58
CA LEU B 182 -5.08 8.99 37.77
C LEU B 182 -6.41 8.20 37.52
N LEU B 183 -6.46 6.94 37.95
CA LEU B 183 -7.71 6.21 38.01
C LEU B 183 -8.27 6.22 39.44
N VAL B 184 -7.42 6.48 40.44
CA VAL B 184 -7.86 6.62 41.84
C VAL B 184 -7.17 7.86 42.40
N LYS B 185 -7.92 8.83 42.89
CA LYS B 185 -7.25 9.95 43.51
C LYS B 185 -7.00 9.67 45.00
N ASP B 186 -5.85 10.13 45.47
CA ASP B 186 -5.41 10.04 46.88
C ASP B 186 -5.01 8.67 47.42
N ASP B 187 -4.64 7.76 46.55
CA ASP B 187 -4.25 6.43 47.00
C ASP B 187 -3.38 5.92 45.88
N ALA B 188 -2.09 6.22 46.02
CA ALA B 188 -1.15 5.92 44.97
C ALA B 188 -1.03 4.41 44.90
N ASP B 189 -1.18 3.71 46.04
CA ASP B 189 -1.13 2.27 45.98
C ASP B 189 -2.25 1.60 45.21
N ALA B 190 -3.48 2.08 45.40
CA ALA B 190 -4.63 1.53 44.72
C ALA B 190 -4.56 1.91 43.22
N ASP B 191 -4.21 3.16 42.95
CA ASP B 191 -3.97 3.63 41.55
C ASP B 191 -2.97 2.71 40.86
N ASP B 192 -1.82 2.48 41.48
CA ASP B 192 -0.88 1.58 40.87
C ASP B 192 -1.46 0.18 40.58
N ALA B 193 -2.11 -0.40 41.58
CA ALA B 193 -2.57 -1.80 41.47
C ALA B 193 -3.69 -1.83 40.43
N GLU B 194 -4.57 -0.80 40.43
CA GLU B 194 -5.54 -0.69 39.29
C GLU B 194 -4.82 -0.65 37.93
N TRP B 195 -3.86 0.25 37.75
CA TRP B 195 -3.10 0.26 36.46
C TRP B 195 -2.34 -1.03 36.16
N ASP B 196 -1.82 -1.67 37.21
CA ASP B 196 -1.05 -2.90 36.98
C ASP B 196 -2.01 -3.95 36.44
N ARG B 197 -3.18 -3.99 37.04
CA ARG B 197 -4.11 -5.03 36.64
C ARG B 197 -4.63 -4.78 35.18
N LEU B 198 -5.01 -3.54 34.87
CA LEU B 198 -5.52 -3.20 33.53
C LEU B 198 -4.44 -3.37 32.43
N TYR B 199 -3.23 -2.93 32.73
CA TYR B 199 -2.11 -3.16 31.82
C TYR B 199 -1.79 -4.64 31.55
N THR B 200 -1.81 -5.47 32.60
CA THR B 200 -1.49 -6.91 32.47
C THR B 200 -2.50 -7.54 31.53
N LYS B 201 -3.75 -7.12 31.66
CA LYS B 201 -4.79 -7.60 30.79
C LYS B 201 -4.61 -7.13 29.33
N ALA B 202 -4.38 -5.82 29.17
CA ALA B 202 -4.14 -5.25 27.81
C ALA B 202 -2.91 -5.93 27.13
N GLU B 203 -1.87 -6.27 27.91
CA GLU B 203 -0.68 -6.89 27.35
C GLU B 203 -1.03 -8.30 26.81
N SER B 204 -1.89 -9.03 27.50
CA SER B 204 -2.31 -10.35 26.96
C SER B 204 -3.20 -10.27 25.77
N TYR B 205 -4.08 -9.27 25.77
CA TYR B 205 -4.90 -9.01 24.58
C TYR B 205 -4.02 -8.73 23.37
N PHE B 206 -2.96 -7.94 23.56
CA PHE B 206 -2.07 -7.53 22.48
C PHE B 206 -0.97 -8.60 22.24
N GLN B 207 -0.79 -9.53 23.17
CA GLN B 207 0.35 -10.47 23.17
C GLN B 207 1.71 -9.76 23.20
N THR B 208 1.77 -8.76 24.04
CA THR B 208 3.00 -8.01 24.24
C THR B 208 4.08 -8.89 24.80
N GLY B 209 5.30 -8.70 24.31
CA GLY B 209 6.39 -9.37 24.95
C GLY B 209 7.70 -8.61 24.71
N THR B 210 8.76 -9.09 25.36
CA THR B 210 9.99 -8.32 25.40
C THR B 210 11.21 -9.10 25.04
N ASP B 211 11.03 -10.28 24.46
CA ASP B 211 12.18 -11.08 24.04
C ASP B 211 12.23 -11.56 22.56
N GLN B 212 11.26 -11.15 21.73
CA GLN B 212 11.17 -11.64 20.32
C GLN B 212 12.42 -11.35 19.49
N PHE B 213 13.21 -10.37 19.88
CA PHE B 213 14.40 -9.95 19.13
C PHE B 213 15.72 -10.30 19.84
N LYS B 214 15.62 -11.15 20.86
CA LYS B 214 16.80 -11.42 21.68
C LYS B 214 17.95 -12.09 20.94
N GLU B 215 17.67 -12.71 19.78
CA GLU B 215 18.75 -13.39 18.98
C GLU B 215 19.31 -12.57 17.85
N SER B 216 19.02 -11.30 17.83
CA SER B 216 19.64 -10.41 16.81
C SER B 216 21.00 -9.92 17.27
N ILE B 217 21.98 -10.00 16.38
CA ILE B 217 23.31 -9.47 16.67
C ILE B 217 23.21 -7.97 16.75
N ARG B 218 22.58 -7.38 15.76
CA ARG B 218 22.49 -5.91 15.73
C ARG B 218 21.82 -5.30 16.94
N HIS B 219 20.73 -5.94 17.34
CA HIS B 219 19.93 -5.52 18.51
C HIS B 219 20.81 -5.49 19.71
N ASN B 220 21.55 -6.57 19.92
CA ASN B 220 22.38 -6.68 21.10
C ASN B 220 23.60 -5.80 21.10
N LEU B 221 24.24 -5.65 19.92
CA LEU B 221 25.37 -4.73 19.70
C LEU B 221 25.08 -3.32 20.12
N VAL B 222 23.88 -2.88 19.71
CA VAL B 222 23.44 -1.53 19.93
C VAL B 222 23.10 -1.38 21.42
N LEU B 223 22.23 -2.28 21.93
CA LEU B 223 21.82 -2.15 23.33
C LEU B 223 22.98 -2.25 24.37
N ASN B 224 23.81 -3.25 24.24
CA ASN B 224 24.99 -3.37 25.09
C ASN B 224 25.89 -2.14 25.08
N LYS B 225 26.10 -1.52 23.93
CA LYS B 225 27.00 -0.39 23.83
C LYS B 225 26.34 0.79 24.58
N LEU B 226 25.03 0.98 24.38
CA LEU B 226 24.33 2.07 25.06
C LEU B 226 24.42 1.91 26.57
N THR B 227 24.16 0.71 27.08
CA THR B 227 24.11 0.52 28.54
C THR B 227 25.51 0.70 29.12
N GLU B 228 26.54 0.24 28.40
CA GLU B 228 27.96 0.48 28.76
C GLU B 228 28.23 1.99 28.84
N GLU B 229 27.84 2.70 27.81
CA GLU B 229 28.14 4.10 27.74
C GLU B 229 27.39 4.95 28.72
N TYR B 230 26.26 4.52 29.23
CA TYR B 230 25.47 5.38 30.11
C TYR B 230 25.80 5.21 31.54
N LYS B 231 26.64 4.21 31.79
CA LYS B 231 27.22 4.04 33.09
C LYS B 231 26.13 4.19 34.18
N GLY B 232 25.05 3.43 34.05
CA GLY B 232 24.12 3.26 35.14
C GLY B 232 22.90 4.15 35.17
N GLN B 233 23.06 5.37 34.68
CA GLN B 233 22.01 6.40 34.72
C GLN B 233 20.70 6.04 33.98
N ARG B 234 20.77 5.19 32.97
CA ARG B 234 19.61 4.78 32.20
C ARG B 234 19.68 3.30 31.82
N ASP B 235 18.52 2.68 31.74
CA ASP B 235 18.40 1.29 31.35
C ASP B 235 17.88 1.20 29.95
N PHE B 236 18.46 0.29 29.19
CA PHE B 236 18.08 -0.03 27.85
C PHE B 236 17.56 -1.42 27.86
N GLN B 237 16.39 -1.58 27.23
CA GLN B 237 15.72 -2.84 27.05
C GLN B 237 15.12 -2.96 25.65
N GLN B 238 14.60 -4.13 25.37
CA GLN B 238 13.78 -4.26 24.19
C GLN B 238 12.51 -3.42 24.34
N ILE B 239 12.17 -2.70 23.27
CA ILE B 239 10.85 -2.08 23.19
C ILE B 239 9.85 -3.23 23.41
N PRO B 240 8.91 -3.05 24.30
CA PRO B 240 7.87 -4.06 24.38
C PRO B 240 7.03 -4.05 23.12
N LEU B 241 6.82 -5.23 22.51
CA LEU B 241 6.21 -5.32 21.24
C LEU B 241 5.04 -6.25 21.33
N ALA B 242 3.92 -5.80 20.77
CA ALA B 242 2.75 -6.65 20.55
C ALA B 242 3.02 -7.54 19.36
N ALA B 243 3.58 -8.71 19.60
CA ALA B 243 4.02 -9.56 18.50
C ALA B 243 4.40 -10.91 19.05
N THR B 244 4.30 -11.95 18.19
CA THR B 244 4.84 -13.26 18.47
C THR B 244 5.79 -13.77 17.37
N ARG B 245 6.97 -14.15 17.80
CA ARG B 245 7.91 -14.69 16.85
C ARG B 245 7.49 -16.10 16.42
N ARG B 246 7.40 -16.34 15.11
CA ARG B 246 7.09 -17.67 14.60
C ARG B 246 8.31 -18.42 14.04
N SER B 247 9.31 -17.73 13.55
CA SER B 247 10.51 -18.38 13.05
C SER B 247 11.61 -17.35 13.13
N PRO B 248 12.85 -17.74 12.87
CA PRO B 248 13.92 -16.73 12.86
C PRO B 248 13.74 -15.60 11.82
N THR B 249 12.90 -15.84 10.81
CA THR B 249 12.63 -14.83 9.77
C THR B 249 11.16 -14.34 9.71
N PHE B 250 10.31 -14.67 10.66
CA PHE B 250 8.90 -14.17 10.62
C PHE B 250 8.33 -13.82 12.00
N VAL B 251 7.75 -12.64 12.15
CA VAL B 251 7.12 -12.20 13.43
C VAL B 251 5.66 -11.91 13.07
N GLU B 252 4.78 -12.56 13.77
CA GLU B 252 3.37 -12.29 13.60
C GLU B 252 3.09 -11.07 14.45
N TRP B 253 3.10 -9.92 13.81
CA TRP B 253 2.66 -8.71 14.45
C TRP B 253 1.21 -8.74 14.88
N SER B 254 0.98 -8.12 16.00
CA SER B 254 -0.35 -7.99 16.52
C SER B 254 -1.06 -6.84 15.92
N SER B 255 -2.37 -6.83 16.12
CA SER B 255 -3.35 -5.93 15.49
C SER B 255 -4.70 -6.00 16.21
N ALA B 256 -5.67 -5.28 15.71
CA ALA B 256 -7.10 -5.48 16.15
C ALA B 256 -7.54 -6.98 16.15
N ASN B 257 -7.15 -7.69 15.12
CA ASN B 257 -7.56 -9.08 14.94
C ASN B 257 -7.09 -10.00 16.06
N THR B 258 -5.92 -9.71 16.64
CA THR B 258 -5.39 -10.43 17.77
C THR B 258 -6.30 -10.17 18.96
N VAL B 259 -6.79 -8.94 19.09
CA VAL B 259 -7.73 -8.64 20.20
C VAL B 259 -9.07 -9.33 20.03
N PHE B 260 -9.65 -9.19 18.83
CA PHE B 260 -10.96 -9.76 18.49
C PHE B 260 -10.93 -10.14 17.03
N ASP B 261 -11.20 -11.40 16.70
CA ASP B 261 -11.00 -11.79 15.30
C ASP B 261 -11.96 -11.14 14.20
N LEU B 262 -12.97 -10.43 14.70
CA LEU B 262 -13.99 -9.72 13.92
C LEU B 262 -14.83 -10.63 12.98
N GLN B 263 -14.93 -11.93 13.27
CA GLN B 263 -15.76 -12.81 12.46
C GLN B 263 -17.16 -12.65 13.01
N ASN B 264 -18.17 -12.74 12.16
CA ASN B 264 -19.55 -12.74 12.63
C ASN B 264 -19.89 -13.93 13.51
N ARG B 265 -20.80 -13.71 14.44
CA ARG B 265 -21.09 -14.66 15.52
C ARG B 265 -22.61 -14.62 15.78
N PRO B 266 -23.23 -15.75 16.05
CA PRO B 266 -22.61 -17.02 16.42
C PRO B 266 -21.81 -17.69 15.30
N ASN B 267 -20.88 -18.56 15.63
CA ASN B 267 -20.28 -19.42 14.62
C ASN B 267 -19.89 -20.73 15.30
N THR B 268 -19.35 -21.68 14.56
CA THR B 268 -18.92 -22.95 15.17
C THR B 268 -17.96 -22.75 16.35
N ASP B 269 -16.98 -21.82 16.25
CA ASP B 269 -16.04 -21.56 17.36
C ASP B 269 -16.65 -20.79 18.53
N ALA B 270 -17.72 -20.03 18.31
CA ALA B 270 -18.44 -19.37 19.40
C ALA B 270 -19.95 -19.41 19.13
N PRO B 271 -20.60 -20.56 19.39
CA PRO B 271 -22.01 -20.67 19.01
C PRO B 271 -23.00 -19.86 19.84
N GLU B 272 -22.55 -19.36 20.97
CA GLU B 272 -23.41 -18.64 21.88
C GLU B 272 -23.17 -17.15 21.88
N GLU B 273 -22.28 -16.69 21.00
CA GLU B 273 -21.97 -15.29 20.97
C GLU B 273 -22.70 -14.61 19.85
N ARG B 274 -22.74 -13.29 19.95
CA ARG B 274 -23.48 -12.47 19.03
C ARG B 274 -22.69 -11.26 18.60
N PHE B 275 -22.23 -11.23 17.34
CA PHE B 275 -21.49 -10.13 16.83
C PHE B 275 -21.63 -10.02 15.31
N ASN B 276 -21.96 -8.81 14.87
CA ASN B 276 -21.85 -8.42 13.43
C ASN B 276 -20.98 -7.22 13.17
N LEU B 277 -20.11 -7.33 12.15
CA LEU B 277 -19.30 -6.21 11.67
C LEU B 277 -19.97 -5.75 10.39
N PHE B 278 -20.18 -4.46 10.31
CA PHE B 278 -20.67 -3.73 9.14
C PHE B 278 -19.65 -2.72 8.59
N PRO B 279 -18.84 -3.18 7.67
CA PRO B 279 -17.88 -2.31 6.98
C PRO B 279 -18.59 -1.36 6.01
N ALA B 280 -17.89 -0.31 5.63
CA ALA B 280 -18.37 0.66 4.64
C ALA B 280 -19.63 1.34 5.13
N VAL B 281 -19.65 1.59 6.44
CA VAL B 281 -20.77 2.29 7.04
C VAL B 281 -20.27 3.55 7.79
N ALA B 282 -20.63 4.74 7.28
CA ALA B 282 -20.16 5.99 7.86
C ALA B 282 -21.07 6.28 8.99
N CYS B 283 -20.55 6.37 10.19
CA CYS B 283 -21.38 6.79 11.35
C CYS B 283 -21.32 8.35 11.51
N GLU B 284 -22.48 9.01 11.52
CA GLU B 284 -22.55 10.46 11.41
C GLU B 284 -23.00 11.20 12.68
N ARG B 285 -23.92 10.65 13.47
CA ARG B 285 -24.48 11.35 14.67
C ARG B 285 -24.91 10.36 15.76
N VAL B 286 -24.73 10.75 17.00
CA VAL B 286 -25.45 10.07 18.07
C VAL B 286 -26.58 11.05 18.43
N VAL B 287 -27.79 10.51 18.61
CA VAL B 287 -28.96 11.31 18.94
C VAL B 287 -29.09 11.40 20.44
N ARG B 288 -28.85 12.60 20.97
CA ARG B 288 -28.98 12.85 22.37
C ARG B 288 -30.44 12.98 22.71
N ASN B 289 -30.86 12.51 23.91
CA ASN B 289 -32.13 13.02 24.46
C ASN B 289 -31.90 14.50 24.81
N ALA B 290 -32.95 15.30 24.96
CA ALA B 290 -32.79 16.74 25.19
C ALA B 290 -32.11 17.04 26.52
N LEU B 291 -32.32 16.22 27.54
CA LEU B 291 -31.69 16.44 28.83
C LEU B 291 -30.21 16.04 28.87
N ASN B 292 -29.67 15.56 27.78
CA ASN B 292 -28.27 15.16 27.75
C ASN B 292 -27.95 14.13 28.88
N SER B 293 -28.82 13.13 28.94
CA SER B 293 -28.71 12.03 29.93
C SER B 293 -28.66 10.65 29.27
N GLU B 294 -28.80 10.61 27.95
CA GLU B 294 -28.80 9.36 27.24
C GLU B 294 -28.71 9.54 25.73
N ILE B 295 -28.18 8.54 25.03
CA ILE B 295 -28.24 8.51 23.55
C ILE B 295 -29.40 7.59 23.13
N GLU B 296 -30.11 7.99 22.09
CA GLU B 296 -31.34 7.36 21.66
C GLU B 296 -31.18 6.46 20.44
N SER B 297 -30.19 6.77 19.58
CA SER B 297 -29.93 6.07 18.31
C SER B 297 -28.63 6.60 17.71
N LEU B 298 -28.15 5.89 16.72
CA LEU B 298 -26.98 6.34 16.01
C LEU B 298 -27.36 6.45 14.54
N HIS B 299 -27.12 7.61 13.93
CA HIS B 299 -27.32 7.83 12.53
C HIS B 299 -26.17 7.23 11.75
N ILE B 300 -26.45 6.42 10.75
CA ILE B 300 -25.47 5.84 9.89
C ILE B 300 -25.79 6.00 8.40
N HIS B 301 -24.77 6.03 7.57
CA HIS B 301 -24.93 6.13 6.12
C HIS B 301 -24.21 4.93 5.47
N ASP B 302 -24.97 4.09 4.78
CA ASP B 302 -24.47 2.88 4.14
C ASP B 302 -23.84 3.32 2.81
N LEU B 303 -22.52 3.29 2.75
CA LEU B 303 -21.76 3.80 1.61
C LEU B 303 -21.93 2.95 0.36
N ILE B 304 -22.36 1.70 0.49
CA ILE B 304 -22.55 0.92 -0.74
C ILE B 304 -23.95 1.24 -1.33
N SER B 305 -24.97 1.11 -0.51
CA SER B 305 -26.33 1.41 -0.90
C SER B 305 -26.66 2.89 -0.95
N GLY B 306 -25.92 3.74 -0.26
CA GLY B 306 -26.24 5.17 -0.20
C GLY B 306 -27.31 5.52 0.83
N ASP B 307 -28.01 4.49 1.36
CA ASP B 307 -29.08 4.67 2.34
C ASP B 307 -28.62 5.06 3.76
N ARG B 308 -29.52 5.76 4.46
CA ARG B 308 -29.29 6.14 5.85
C ARG B 308 -30.28 5.40 6.76
N PHE B 309 -29.82 5.07 7.98
CA PHE B 309 -30.61 4.36 9.03
C PHE B 309 -30.29 4.96 10.37
N GLU B 310 -31.17 4.79 11.32
CA GLU B 310 -30.92 5.11 12.70
C GLU B 310 -30.88 3.72 13.32
N ILE B 311 -29.85 3.46 14.12
CA ILE B 311 -29.65 2.16 14.74
C ILE B 311 -29.81 2.34 16.24
N LYS B 312 -30.53 1.40 16.84
CA LYS B 312 -30.86 1.43 18.26
C LYS B 312 -30.03 0.46 19.06
N ALA B 313 -29.63 0.88 20.22
CA ALA B 313 -28.94 -0.02 21.12
C ALA B 313 -29.04 0.42 22.56
N ASP B 314 -28.78 -0.47 23.53
CA ASP B 314 -28.78 -0.03 24.92
C ASP B 314 -27.56 0.87 25.19
N VAL B 315 -26.46 0.49 24.60
CA VAL B 315 -25.13 1.09 24.89
C VAL B 315 -24.47 1.51 23.57
N TYR B 316 -23.86 2.71 23.64
CA TYR B 316 -23.19 3.33 22.51
C TYR B 316 -21.73 3.59 22.87
N VAL B 317 -20.83 3.13 22.00
CA VAL B 317 -19.35 3.20 22.23
C VAL B 317 -18.68 3.80 21.00
N LEU B 318 -18.05 4.96 21.21
CA LEU B 318 -17.33 5.64 20.13
C LEU B 318 -15.78 5.38 20.23
N THR B 319 -15.30 4.56 19.29
CA THR B 319 -13.94 4.30 19.14
C THR B 319 -13.48 4.57 17.69
N ALA B 320 -13.80 5.75 17.18
CA ALA B 320 -13.56 6.12 15.78
C ALA B 320 -12.18 6.77 15.59
N GLY B 321 -11.40 6.84 16.67
CA GLY B 321 -10.15 7.65 16.66
C GLY B 321 -10.27 9.00 17.33
N ALA B 322 -9.12 9.57 17.61
CA ALA B 322 -9.03 10.81 18.41
C ALA B 322 -9.64 12.02 17.64
N VAL B 323 -9.46 12.02 16.34
CA VAL B 323 -10.08 13.03 15.48
C VAL B 323 -11.58 12.76 15.28
N HIS B 324 -11.87 11.54 14.82
CA HIS B 324 -13.25 11.27 14.42
C HIS B 324 -14.24 11.10 15.53
N ASN B 325 -13.82 10.64 16.70
CA ASN B 325 -14.75 10.65 17.87
C ASN B 325 -15.22 12.12 18.12
N THR B 326 -14.29 13.05 18.10
CA THR B 326 -14.60 14.47 18.33
C THR B 326 -15.47 14.95 17.22
N GLN B 327 -15.25 14.43 16.00
CA GLN B 327 -16.01 15.00 14.86
C GLN B 327 -17.46 14.58 14.97
N LEU B 328 -17.63 13.32 15.33
CA LEU B 328 -18.95 12.71 15.43
C LEU B 328 -19.73 13.37 16.54
N LEU B 329 -19.06 13.56 17.67
CA LEU B 329 -19.64 14.25 18.86
C LEU B 329 -20.06 15.68 18.55
N VAL B 330 -19.20 16.41 17.86
CA VAL B 330 -19.49 17.82 17.47
C VAL B 330 -20.65 17.89 16.46
N ASN B 331 -20.64 16.91 15.54
CA ASN B 331 -21.74 16.75 14.58
C ASN B 331 -23.05 16.36 15.26
N SER B 332 -22.97 15.95 16.52
CA SER B 332 -24.13 15.55 17.31
C SER B 332 -24.62 16.57 18.34
N GLY B 333 -24.06 17.78 18.35
CA GLY B 333 -24.49 18.79 19.31
C GLY B 333 -23.66 18.87 20.59
N PHE B 334 -22.58 18.13 20.66
CA PHE B 334 -21.70 18.34 21.80
C PHE B 334 -20.68 19.41 21.43
N GLY B 335 -20.12 20.07 22.43
CA GLY B 335 -19.11 21.09 22.17
C GLY B 335 -19.65 22.15 21.25
N GLN B 336 -18.81 22.67 20.35
CA GLN B 336 -19.09 23.86 19.52
C GLN B 336 -18.60 23.65 18.07
N LEU B 337 -19.55 23.58 17.15
CA LEU B 337 -19.28 23.66 15.72
C LEU B 337 -18.82 25.06 15.28
N GLY B 338 -17.91 25.11 14.33
CA GLY B 338 -17.29 26.35 13.85
C GLY B 338 -16.06 26.82 14.60
N ARG B 339 -15.55 27.96 14.18
CA ARG B 339 -14.35 28.54 14.73
C ARG B 339 -14.60 29.00 16.20
N PRO B 340 -13.71 28.64 17.09
CA PRO B 340 -13.98 28.79 18.51
C PRO B 340 -14.33 30.22 18.76
N ASN B 341 -15.29 30.43 19.65
CA ASN B 341 -15.77 31.75 20.02
C ASN B 341 -15.71 31.89 21.52
N PRO B 342 -14.78 32.68 22.00
CA PRO B 342 -14.62 32.80 23.44
C PRO B 342 -15.60 33.83 23.93
N ALA B 343 -16.46 33.47 24.86
CA ALA B 343 -17.54 34.38 25.16
C ALA B 343 -18.80 33.98 24.46
N ASN B 344 -18.77 32.81 23.87
CA ASN B 344 -20.02 32.21 23.53
C ASN B 344 -20.15 30.79 24.01
N PRO B 345 -19.41 30.46 25.03
CA PRO B 345 -18.98 29.07 25.18
C PRO B 345 -20.10 28.03 25.13
N PRO B 346 -19.79 26.84 24.59
CA PRO B 346 -20.78 25.77 24.55
C PRO B 346 -21.25 25.34 25.96
N GLU B 347 -22.47 24.88 26.06
CA GLU B 347 -23.01 24.46 27.32
C GLU B 347 -22.65 23.02 27.54
N LEU B 348 -22.66 22.22 26.46
CA LEU B 348 -22.49 20.76 26.55
C LEU B 348 -21.03 20.34 26.23
N LEU B 349 -20.33 19.70 27.18
CA LEU B 349 -18.90 19.32 27.05
C LEU B 349 -18.03 20.44 26.47
N PRO B 350 -17.96 21.56 27.16
CA PRO B 350 -17.14 22.71 26.76
C PRO B 350 -15.59 22.41 26.61
N SER B 351 -15.09 21.37 27.25
CA SER B 351 -13.68 20.98 27.07
C SER B 351 -13.42 20.05 25.85
N LEU B 352 -14.49 19.56 25.20
CA LEU B 352 -14.30 18.75 23.98
C LEU B 352 -13.48 19.50 22.91
N GLY B 353 -12.42 18.86 22.38
CA GLY B 353 -11.60 19.51 21.37
C GLY B 353 -10.65 20.57 21.89
N SER B 354 -10.57 20.74 23.21
CA SER B 354 -9.55 21.64 23.80
C SER B 354 -8.56 20.80 24.63
N TYR B 355 -7.45 21.43 25.01
CA TYR B 355 -6.34 20.74 25.69
C TYR B 355 -5.68 19.70 24.82
N ILE B 356 -5.80 19.79 23.47
CA ILE B 356 -5.23 18.74 22.65
C ILE B 356 -3.73 18.65 22.80
N THR B 357 -3.26 17.40 22.74
CA THR B 357 -1.85 17.07 22.77
C THR B 357 -1.43 16.27 21.59
N GLU B 358 -0.23 16.61 21.17
CA GLU B 358 0.52 15.90 20.17
C GLU B 358 1.96 16.01 20.53
N GLN B 359 2.62 14.88 20.32
CA GLN B 359 4.05 14.75 20.74
C GLN B 359 4.95 15.38 19.70
N SER B 360 6.04 15.96 20.18
CA SER B 360 7.15 16.28 19.31
C SER B 360 7.91 14.98 18.95
N LEU B 361 8.36 14.83 17.71
CA LEU B 361 9.09 13.63 17.26
C LEU B 361 10.39 14.12 16.60
N VAL B 362 11.51 13.59 17.07
CA VAL B 362 12.84 13.85 16.42
C VAL B 362 13.32 12.55 15.82
N PHE B 363 14.06 12.66 14.70
CA PHE B 363 14.45 11.43 13.96
C PHE B 363 15.85 11.62 13.40
N CYS B 364 16.63 10.53 13.32
CA CYS B 364 17.87 10.51 12.50
C CYS B 364 18.16 9.00 12.25
N GLN B 365 19.06 8.68 11.35
CA GLN B 365 19.56 7.39 11.33
C GLN B 365 21.05 7.50 11.52
N THR B 366 21.67 6.42 11.98
CA THR B 366 23.12 6.29 12.02
C THR B 366 23.78 5.14 11.22
N VAL B 367 25.08 5.25 10.98
CA VAL B 367 25.91 4.19 10.38
C VAL B 367 26.86 3.66 11.46
N MET B 368 26.79 2.38 11.73
CA MET B 368 27.45 1.72 12.86
C MET B 368 28.91 1.99 12.79
N SER B 369 29.48 2.22 13.95
CA SER B 369 30.86 2.55 14.09
C SER B 369 31.80 1.40 13.74
N THR B 370 32.99 1.75 13.19
CA THR B 370 34.04 0.77 12.94
C THR B 370 34.23 0.00 14.20
N GLU B 371 34.18 0.72 15.32
CA GLU B 371 34.50 0.14 16.59
C GLU B 371 33.52 -0.95 16.95
N LEU B 372 32.24 -0.71 16.73
CA LEU B 372 31.21 -1.70 16.95
C LEU B 372 31.26 -2.90 15.96
N ILE B 373 31.42 -2.64 14.68
CA ILE B 373 31.65 -3.68 13.71
C ILE B 373 32.87 -4.53 14.08
N ASP B 374 33.99 -3.93 14.47
CA ASP B 374 35.10 -4.75 14.95
C ASP B 374 34.68 -5.56 16.19
N SER B 375 33.84 -5.04 17.04
CA SER B 375 33.69 -5.78 18.26
C SER B 375 32.85 -7.00 18.00
N VAL B 376 32.00 -6.99 16.95
CA VAL B 376 31.10 -8.16 16.70
C VAL B 376 31.99 -9.43 16.52
N LYS B 377 33.15 -9.24 15.93
CA LYS B 377 34.11 -10.29 15.64
C LYS B 377 35.33 -10.42 16.61
N SER B 378 35.22 -9.82 17.80
CA SER B 378 36.33 -9.70 18.70
C SER B 378 36.79 -11.05 19.22
N ASP B 379 35.93 -12.06 19.18
CA ASP B 379 36.37 -13.41 19.61
C ASP B 379 37.05 -14.20 18.50
N MET B 380 37.12 -13.65 17.30
CA MET B 380 37.61 -14.41 16.14
C MET B 380 39.13 -14.36 16.00
N THR B 381 39.74 -15.46 15.56
CA THR B 381 41.07 -15.46 15.04
C THR B 381 40.95 -15.41 13.58
N ILE B 382 41.43 -14.35 12.97
CA ILE B 382 41.24 -14.23 11.53
C ILE B 382 42.57 -14.23 10.85
N ARG B 383 42.73 -15.09 9.85
CA ARG B 383 44.01 -15.19 9.18
C ARG B 383 43.83 -15.08 7.67
N GLY B 384 44.80 -14.57 6.97
CA GLY B 384 44.68 -14.50 5.49
C GLY B 384 43.73 -13.41 5.04
N THR B 385 43.61 -13.27 3.72
CA THR B 385 42.74 -12.24 3.16
C THR B 385 41.42 -12.85 2.57
N PRO B 386 40.29 -12.22 2.79
CA PRO B 386 39.05 -12.77 2.32
C PRO B 386 39.10 -13.22 0.89
N GLY B 387 38.54 -14.39 0.61
CA GLY B 387 38.40 -14.86 -0.75
C GLY B 387 39.62 -15.60 -1.24
N GLU B 388 40.66 -15.73 -0.41
CA GLU B 388 41.82 -16.60 -0.75
C GLU B 388 41.69 -17.98 -0.10
N LEU B 389 42.36 -19.00 -0.67
CA LEU B 389 42.35 -20.37 -0.10
C LEU B 389 42.93 -20.43 1.34
N THR B 390 43.66 -19.37 1.68
CA THR B 390 44.41 -19.22 2.90
C THR B 390 43.47 -18.70 4.03
N TYR B 391 42.37 -18.06 3.65
CA TYR B 391 41.56 -17.35 4.62
C TYR B 391 40.85 -18.21 5.61
N SER B 392 40.91 -17.88 6.87
CA SER B 392 40.12 -18.58 7.85
C SER B 392 39.71 -17.73 9.04
N VAL B 393 38.52 -17.96 9.53
CA VAL B 393 38.00 -17.32 10.73
C VAL B 393 37.60 -18.41 11.74
N THR B 394 38.19 -18.41 12.91
CA THR B 394 37.88 -19.40 13.93
C THR B 394 37.69 -18.73 15.27
N TYR B 395 37.12 -19.43 16.21
CA TYR B 395 37.05 -18.93 17.56
C TYR B 395 37.09 -20.16 18.47
N THR B 396 37.38 -19.99 19.78
CA THR B 396 37.25 -21.12 20.71
C THR B 396 35.89 -21.14 21.41
N PRO B 397 35.05 -22.14 21.11
CA PRO B 397 33.80 -22.18 21.92
C PRO B 397 34.09 -22.34 23.42
N GLY B 398 33.29 -21.69 24.25
CA GLY B 398 33.43 -21.81 25.68
C GLY B 398 34.65 -21.17 26.30
N ALA B 399 35.60 -20.65 25.51
CA ALA B 399 36.72 -19.96 26.15
C ALA B 399 36.16 -18.87 27.10
N SER B 400 36.61 -18.86 28.35
CA SER B 400 36.20 -17.86 29.39
C SER B 400 36.52 -16.42 29.08
N THR B 401 37.47 -16.21 28.20
CA THR B 401 37.80 -14.84 27.74
C THR B 401 36.95 -14.31 26.59
N ASN B 402 36.16 -15.18 25.94
CA ASN B 402 35.24 -14.79 24.88
C ASN B 402 34.29 -13.70 25.41
N LYS B 403 34.11 -12.63 24.63
CA LYS B 403 33.18 -11.53 25.03
C LYS B 403 31.72 -11.85 24.68
N HIS B 404 31.51 -12.90 23.87
CA HIS B 404 30.17 -13.24 23.36
C HIS B 404 29.87 -14.72 23.51
N PRO B 405 28.56 -15.05 23.55
CA PRO B 405 28.19 -16.45 23.62
C PRO B 405 28.57 -17.24 22.36
N ASP B 406 28.63 -18.55 22.52
CA ASP B 406 28.91 -19.40 21.37
C ASP B 406 27.96 -19.13 20.20
N TRP B 407 26.67 -18.98 20.47
CA TRP B 407 25.74 -18.91 19.35
C TRP B 407 25.97 -17.70 18.48
N TRP B 408 26.32 -16.57 19.10
CA TRP B 408 26.79 -15.44 18.39
C TRP B 408 28.03 -15.72 17.52
N ASN B 409 29.05 -16.31 18.14
CA ASN B 409 30.27 -16.53 17.44
C ASN B 409 30.13 -17.52 16.25
N GLU B 410 29.30 -18.54 16.46
CA GLU B 410 28.94 -19.45 15.42
C GLU B 410 28.34 -18.72 14.21
N LYS B 411 27.36 -17.87 14.50
CA LYS B 411 26.64 -17.09 13.49
C LYS B 411 27.64 -16.16 12.75
N VAL B 412 28.51 -15.46 13.49
CA VAL B 412 29.55 -14.63 12.88
C VAL B 412 30.54 -15.44 12.03
N LYS B 413 31.04 -16.55 12.59
CA LYS B 413 31.98 -17.40 11.88
C LYS B 413 31.41 -17.87 10.58
N ASN B 414 30.21 -18.45 10.61
CA ASN B 414 29.55 -18.98 9.41
C ASN B 414 29.35 -17.87 8.36
N HIS B 415 28.89 -16.72 8.79
CA HIS B 415 28.68 -15.65 7.85
C HIS B 415 30.01 -15.31 7.23
N MET B 416 31.04 -15.13 8.02
CA MET B 416 32.31 -14.63 7.54
C MET B 416 33.02 -15.66 6.62
N MET B 417 32.84 -16.93 6.92
CA MET B 417 33.46 -18.04 6.12
C MET B 417 32.67 -18.44 4.90
N GLN B 418 31.35 -18.43 5.02
CA GLN B 418 30.47 -18.72 3.88
C GLN B 418 30.32 -17.53 2.90
N HIS B 419 30.57 -16.30 3.33
CA HIS B 419 30.48 -15.17 2.40
C HIS B 419 31.64 -14.24 2.41
N GLN B 420 32.75 -14.67 1.84
CA GLN B 420 33.98 -13.93 2.02
C GLN B 420 34.01 -12.74 1.09
N GLU B 421 33.04 -12.66 0.20
CA GLU B 421 32.81 -11.43 -0.55
C GLU B 421 32.24 -10.32 0.33
N ASP B 422 31.61 -10.66 1.45
CA ASP B 422 30.96 -9.66 2.29
C ASP B 422 31.93 -9.04 3.32
N PRO B 423 32.07 -7.68 3.38
CA PRO B 423 33.12 -7.21 4.34
C PRO B 423 32.65 -7.03 5.78
N LEU B 424 31.41 -7.42 6.07
CA LEU B 424 30.80 -7.22 7.38
C LEU B 424 30.65 -8.55 8.11
N PRO B 425 30.67 -8.50 9.44
CA PRO B 425 30.52 -9.71 10.24
C PRO B 425 29.06 -9.96 10.60
N ILE B 426 28.12 -9.15 10.12
CA ILE B 426 26.74 -9.30 10.59
C ILE B 426 26.03 -10.23 9.59
N PRO B 427 25.27 -11.21 10.07
CA PRO B 427 24.56 -12.07 9.12
C PRO B 427 23.42 -11.39 8.33
N PHE B 428 23.24 -11.85 7.09
CA PHE B 428 22.36 -11.22 6.12
C PHE B 428 20.94 -10.94 6.59
N GLU B 429 20.25 -11.93 7.15
CA GLU B 429 18.92 -11.70 7.73
C GLU B 429 18.91 -11.58 9.26
N ASP B 430 19.97 -11.06 9.83
CA ASP B 430 19.98 -10.74 11.24
C ASP B 430 18.81 -9.78 11.46
N PRO B 431 17.95 -10.03 12.42
CA PRO B 431 16.89 -9.02 12.69
C PRO B 431 17.35 -7.58 13.07
N GLU B 432 16.48 -6.58 12.85
CA GLU B 432 16.81 -5.21 13.27
C GLU B 432 16.84 -5.07 14.78
N PRO B 433 17.54 -4.03 15.31
CA PRO B 433 17.39 -3.70 16.73
C PRO B 433 15.99 -3.21 17.03
N GLN B 434 15.62 -3.34 18.31
CA GLN B 434 14.30 -2.99 18.79
C GLN B 434 14.60 -2.49 20.24
N VAL B 435 15.29 -1.39 20.34
CA VAL B 435 15.79 -0.92 21.61
C VAL B 435 15.10 0.33 22.07
N THR B 436 14.96 0.45 23.38
CA THR B 436 14.44 1.64 24.02
C THR B 436 15.11 1.88 25.37
N THR B 437 15.26 3.15 25.72
CA THR B 437 15.31 3.52 27.09
C THR B 437 14.06 4.27 27.35
N LEU B 438 13.30 3.78 28.32
CA LEU B 438 11.95 4.33 28.59
C LEU B 438 11.98 5.72 29.32
N PHE B 439 10.91 6.44 29.14
CA PHE B 439 10.78 7.78 29.66
C PHE B 439 11.06 7.79 31.13
N GLN B 440 11.78 8.81 31.59
CA GLN B 440 12.03 9.01 33.01
C GLN B 440 12.07 10.48 33.30
N PRO B 441 11.93 10.86 34.57
CA PRO B 441 11.91 12.28 34.86
C PRO B 441 13.14 13.13 34.39
N SER B 442 14.34 12.58 34.37
CA SER B 442 15.48 13.42 33.95
C SER B 442 15.73 13.22 32.46
N HIS B 443 14.96 12.36 31.80
CA HIS B 443 14.96 12.23 30.34
C HIS B 443 13.53 12.00 29.89
N PRO B 444 12.70 13.02 29.95
CA PRO B 444 11.24 12.86 29.74
C PRO B 444 10.80 12.78 28.26
N TRP B 445 11.18 11.68 27.63
CA TRP B 445 10.76 11.33 26.29
C TRP B 445 10.96 9.88 26.21
N HIS B 446 10.09 9.27 25.40
CA HIS B 446 10.19 7.97 24.91
C HIS B 446 11.18 7.86 23.76
N THR B 447 11.80 6.70 23.67
CA THR B 447 12.83 6.46 22.62
C THR B 447 12.63 5.16 21.90
N GLN B 448 12.85 5.13 20.58
CA GLN B 448 12.84 3.85 19.90
C GLN B 448 13.98 3.82 18.91
N ILE B 449 14.76 2.77 18.97
CA ILE B 449 16.00 2.69 18.27
C ILE B 449 16.00 1.40 17.50
N GLY B 450 16.15 1.42 16.19
CA GLY B 450 16.13 0.19 15.46
C GLY B 450 15.91 0.33 14.02
N ARG B 451 14.81 -0.21 13.57
CA ARG B 451 14.32 0.08 12.28
C ARG B 451 12.83 0.12 12.35
N ASP B 452 12.26 1.24 12.02
CA ASP B 452 10.83 1.38 11.90
C ASP B 452 10.47 1.22 10.42
N ALA B 453 9.41 0.46 10.14
CA ALA B 453 8.78 0.39 8.82
C ALA B 453 8.50 1.73 8.19
N PHE B 454 8.11 2.72 8.98
CA PHE B 454 7.73 4.08 8.46
C PHE B 454 8.94 4.95 8.18
N SER B 455 9.59 4.66 7.06
CA SER B 455 10.69 5.48 6.56
C SER B 455 10.25 6.87 6.09
N TYR B 456 11.12 7.86 6.26
CA TYR B 456 10.68 9.25 5.99
C TYR B 456 11.26 9.89 4.73
N GLY B 457 12.35 9.33 4.21
CA GLY B 457 12.79 9.74 2.85
C GLY B 457 13.12 8.51 2.00
N ALA B 458 13.51 8.76 0.74
CA ALA B 458 13.87 7.69 -0.23
C ALA B 458 14.86 6.74 0.40
N VAL B 459 14.58 5.44 0.34
CA VAL B 459 15.50 4.47 0.92
C VAL B 459 16.75 4.48 0.06
N GLN B 460 17.82 4.85 0.73
CA GLN B 460 19.16 4.92 0.17
C GLN B 460 19.77 3.53 0.02
N GLN B 461 20.59 3.35 -1.00
CA GLN B 461 21.10 2.02 -1.36
C GLN B 461 22.60 1.98 -1.30
N SER B 462 23.23 3.11 -0.99
CA SER B 462 24.69 3.15 -1.00
C SER B 462 25.27 2.57 0.27
N ILE B 463 24.55 2.60 1.37
CA ILE B 463 25.08 2.14 2.66
C ILE B 463 24.40 0.88 2.98
N ASP B 464 25.17 -0.13 3.46
CA ASP B 464 24.50 -1.44 3.75
C ASP B 464 23.47 -1.27 4.86
N SER B 465 22.30 -1.88 4.70
CA SER B 465 21.25 -1.78 5.72
C SER B 465 21.64 -2.32 7.02
N ARG B 466 22.59 -3.28 7.10
CA ARG B 466 22.98 -3.83 8.41
C ARG B 466 23.67 -2.77 9.28
N LEU B 467 24.25 -1.75 8.66
CA LEU B 467 24.94 -0.71 9.40
C LEU B 467 23.95 0.32 9.97
N ILE B 468 22.75 0.43 9.38
CA ILE B 468 21.85 1.56 9.61
C ILE B 468 21.02 1.28 10.88
N VAL B 469 20.97 2.23 11.80
CA VAL B 469 20.10 2.19 12.92
C VAL B 469 19.27 3.52 13.00
N ASP B 470 17.95 3.40 13.16
CA ASP B 470 16.98 4.49 13.31
C ASP B 470 16.87 4.93 14.79
N TRP B 471 16.57 6.21 14.98
CA TRP B 471 16.38 6.83 16.26
C TRP B 471 15.15 7.68 16.18
N ARG B 472 14.17 7.41 17.03
CA ARG B 472 12.98 8.24 17.09
C ARG B 472 12.76 8.52 18.55
N PHE B 473 12.84 9.81 18.96
CA PHE B 473 12.53 10.26 20.36
C PHE B 473 11.23 11.07 20.36
N PHE B 474 10.36 10.76 21.29
CA PHE B 474 9.04 11.34 21.32
C PHE B 474 8.86 12.18 22.58
N GLY B 475 8.55 13.47 22.45
CA GLY B 475 8.38 14.30 23.60
C GLY B 475 6.94 14.36 24.11
N ARG B 476 6.79 14.86 25.31
CA ARG B 476 5.49 15.03 25.99
C ARG B 476 5.02 16.53 25.94
N THR B 477 3.73 16.74 25.70
CA THR B 477 3.20 18.07 25.43
C THR B 477 2.17 18.36 26.47
N GLU B 478 2.39 19.45 27.20
CA GLU B 478 1.48 19.97 28.18
C GLU B 478 0.08 20.14 27.59
N PRO B 479 -0.97 19.61 28.26
CA PRO B 479 -2.30 20.08 27.80
C PRO B 479 -2.52 21.56 28.05
N LYS B 480 -2.84 22.30 26.97
CA LYS B 480 -3.33 23.66 27.14
C LYS B 480 -4.68 23.91 26.45
N GLU B 481 -5.50 24.73 27.10
CA GLU B 481 -6.77 25.06 26.57
C GLU B 481 -6.74 25.62 25.14
N GLU B 482 -5.75 26.43 24.79
CA GLU B 482 -5.73 27.07 23.47
C GLU B 482 -5.46 26.12 22.34
N ASN B 483 -5.08 24.89 22.65
CA ASN B 483 -4.73 23.97 21.60
C ASN B 483 -5.92 23.15 21.33
N LYS B 484 -6.41 23.34 20.11
CA LYS B 484 -7.79 22.98 19.77
C LYS B 484 -7.83 22.15 18.48
N LEU B 485 -8.76 21.19 18.44
CA LEU B 485 -9.25 20.57 17.26
C LEU B 485 -10.70 21.00 17.20
N TRP B 486 -11.05 21.67 16.11
CA TRP B 486 -12.42 22.10 15.88
C TRP B 486 -12.88 21.81 14.49
N PHE B 487 -14.20 21.95 14.26
CA PHE B 487 -14.79 21.61 13.00
C PHE B 487 -15.62 22.71 12.36
N SER B 488 -15.37 22.88 11.07
CA SER B 488 -15.86 24.02 10.31
C SER B 488 -17.37 23.89 10.25
N ASP B 489 -18.03 25.03 10.28
CA ASP B 489 -19.51 25.05 10.11
C ASP B 489 -19.89 25.26 8.64
N LYS B 490 -18.87 25.42 7.79
CA LYS B 490 -19.12 25.57 6.31
C LYS B 490 -18.34 24.55 5.45
N ILE B 491 -17.09 24.27 5.75
CA ILE B 491 -16.33 23.34 4.88
C ILE B 491 -16.64 21.90 5.32
N THR B 492 -16.81 21.03 4.35
CA THR B 492 -16.91 19.61 4.71
C THR B 492 -15.85 18.70 4.06
N ASP B 493 -15.61 17.56 4.72
CA ASP B 493 -14.66 16.56 4.26
C ASP B 493 -15.22 15.62 3.22
N ALA B 494 -14.43 14.59 2.91
CA ALA B 494 -14.65 13.58 1.87
C ALA B 494 -15.95 12.81 2.08
N TYR B 495 -16.35 12.73 3.36
CA TYR B 495 -17.56 12.00 3.79
C TYR B 495 -18.71 12.94 4.18
N ASN B 496 -18.61 14.19 3.69
CA ASN B 496 -19.58 15.24 3.96
C ASN B 496 -19.77 15.54 5.44
N MET B 497 -18.73 15.42 6.23
CA MET B 497 -18.81 15.71 7.70
C MET B 497 -18.08 17.00 7.97
N PRO B 498 -18.41 17.72 9.06
CA PRO B 498 -17.72 19.02 9.24
C PRO B 498 -16.15 18.86 9.18
N GLN B 499 -15.51 19.71 8.39
CA GLN B 499 -14.01 19.65 8.20
C GLN B 499 -13.11 19.94 9.44
N PRO B 500 -12.29 18.95 9.85
CA PRO B 500 -11.39 19.14 10.96
C PRO B 500 -10.37 20.21 10.70
N THR B 501 -10.19 21.08 11.68
CA THR B 501 -9.27 22.19 11.59
C THR B 501 -8.49 22.22 12.91
N PHE B 502 -7.19 22.44 12.84
CA PHE B 502 -6.33 22.47 14.04
C PHE B 502 -5.95 23.90 14.29
N ASP B 503 -5.85 24.20 15.58
CA ASP B 503 -5.22 25.42 16.02
C ASP B 503 -4.28 24.99 17.14
N PHE B 504 -3.01 24.85 16.77
CA PHE B 504 -2.05 24.19 17.64
C PHE B 504 -0.66 24.77 17.51
N ARG B 505 -0.02 25.01 18.64
CA ARG B 505 1.42 25.27 18.67
C ARG B 505 1.95 24.46 19.85
N PHE B 506 3.21 24.03 19.79
CA PHE B 506 3.78 23.39 20.95
C PHE B 506 3.84 24.41 22.07
N PRO B 507 3.34 24.08 23.27
CA PRO B 507 3.40 25.13 24.29
C PRO B 507 4.83 25.60 24.52
N ALA B 508 4.94 26.91 24.69
CA ALA B 508 6.21 27.49 25.01
C ALA B 508 6.41 27.00 26.44
N GLY B 509 7.58 27.13 26.93
CA GLY B 509 7.72 26.75 28.30
C GLY B 509 8.27 25.37 28.25
N ARG B 510 7.85 24.52 29.20
CA ARG B 510 8.37 23.20 29.39
C ARG B 510 8.40 22.38 28.12
N THR B 511 7.25 22.31 27.46
CA THR B 511 7.10 21.42 26.33
C THR B 511 8.19 21.71 25.31
N SER B 512 8.41 22.98 25.06
CA SER B 512 9.34 23.42 24.04
C SER B 512 10.81 23.30 24.47
N LYS B 513 11.10 23.54 25.74
CA LYS B 513 12.42 23.34 26.30
C LYS B 513 12.75 21.88 26.28
N GLU B 514 11.81 21.02 26.72
CA GLU B 514 12.06 19.58 26.64
C GLU B 514 12.27 19.06 25.23
N ALA B 515 11.52 19.56 24.26
CA ALA B 515 11.60 19.14 22.86
C ALA B 515 13.01 19.27 22.35
N GLU B 516 13.63 20.42 22.66
CA GLU B 516 14.97 20.77 22.21
C GLU B 516 16.02 20.00 22.96
N ASP B 517 15.84 19.79 24.29
CA ASP B 517 16.72 18.91 25.09
C ASP B 517 16.66 17.43 24.57
N MET B 518 15.50 17.06 24.04
CA MET B 518 15.26 15.80 23.45
C MET B 518 16.04 15.61 22.19
N MET B 519 15.97 16.59 21.31
CA MET B 519 16.79 16.57 20.12
C MET B 519 18.28 16.41 20.52
N THR B 520 18.75 17.17 21.49
CA THR B 520 20.14 17.13 21.87
C THR B 520 20.50 15.74 22.45
N ASP B 521 19.61 15.20 23.27
CA ASP B 521 19.76 13.83 23.79
C ASP B 521 19.90 12.76 22.69
N MET B 522 19.06 12.81 21.64
CA MET B 522 19.21 11.93 20.47
C MET B 522 20.59 12.13 19.81
N CYS B 523 21.02 13.38 19.63
CA CYS B 523 22.32 13.60 19.01
C CYS B 523 23.41 13.00 19.87
N VAL B 524 23.20 13.11 21.19
CA VAL B 524 24.25 12.69 22.11
C VAL B 524 24.34 11.14 22.20
N MET B 525 23.19 10.52 22.29
CA MET B 525 23.07 9.09 22.53
C MET B 525 23.47 8.36 21.25
N SER B 526 22.96 8.83 20.15
CA SER B 526 23.12 8.15 18.84
C SER B 526 24.56 8.12 18.47
N ALA B 527 25.32 9.13 18.86
CA ALA B 527 26.77 9.25 18.54
C ALA B 527 27.59 8.12 19.22
N LYS B 528 27.04 7.50 20.22
CA LYS B 528 27.65 6.37 20.84
C LYS B 528 27.72 5.16 19.93
N ILE B 529 26.77 5.04 19.02
CA ILE B 529 26.66 3.91 18.11
C ILE B 529 27.36 4.19 16.75
N GLY B 530 27.21 5.41 16.25
CA GLY B 530 27.73 5.82 14.97
C GLY B 530 27.35 7.22 14.66
N GLY B 531 27.97 7.78 13.65
CA GLY B 531 27.53 9.07 13.17
C GLY B 531 26.31 8.99 12.29
N PHE B 532 25.68 10.12 12.06
CA PHE B 532 24.51 10.19 11.26
C PHE B 532 24.70 9.74 9.84
N LEU B 533 23.60 9.21 9.28
CA LEU B 533 23.53 8.77 7.90
C LEU B 533 23.13 9.98 7.12
N PRO B 534 23.96 10.42 6.16
CA PRO B 534 23.61 11.53 5.30
C PRO B 534 22.26 11.25 4.64
N GLY B 535 21.41 12.25 4.51
CA GLY B 535 20.06 12.04 4.10
C GLY B 535 19.08 11.72 5.23
N SER B 536 19.54 11.38 6.42
CA SER B 536 18.72 11.16 7.61
C SER B 536 19.38 11.86 8.83
N LEU B 537 19.76 13.11 8.65
CA LEU B 537 20.30 13.90 9.70
C LEU B 537 19.19 14.28 10.71
N PRO B 538 19.56 14.60 11.92
CA PRO B 538 18.67 14.92 13.03
C PRO B 538 17.76 16.06 12.73
N GLN B 539 16.43 15.80 12.85
CA GLN B 539 15.43 16.75 12.44
C GLN B 539 14.20 16.50 13.30
N PHE B 540 13.39 17.54 13.41
CA PHE B 540 12.04 17.41 13.87
C PHE B 540 11.15 17.00 12.75
N MET B 541 10.20 16.10 13.06
CA MET B 541 9.24 15.70 12.02
C MET B 541 8.05 16.64 12.03
N GLU B 542 7.32 16.64 10.90
CA GLU B 542 6.17 17.49 10.73
C GLU B 542 5.21 17.26 11.90
N PRO B 543 4.59 18.32 12.45
CA PRO B 543 3.79 18.14 13.67
C PRO B 543 2.59 17.24 13.41
N GLY B 544 2.54 16.16 14.20
CA GLY B 544 1.53 15.18 14.12
C GLY B 544 1.81 14.04 13.22
N LEU B 545 2.98 14.00 12.60
CA LEU B 545 3.35 12.85 11.77
C LEU B 545 3.38 11.56 12.61
N CYS B 546 3.71 11.73 13.86
CA CYS B 546 3.80 10.63 14.83
C CYS B 546 2.49 10.01 15.24
N LEU B 547 1.37 10.65 14.92
CA LEU B 547 -0.01 10.04 15.12
C LEU B 547 -0.20 9.53 16.55
N HIS B 548 0.03 10.40 17.53
CA HIS B 548 -0.09 10.10 18.98
C HIS B 548 -0.94 11.18 19.61
N LEU B 549 -1.82 11.72 18.81
CA LEU B 549 -2.78 12.75 19.29
C LEU B 549 -3.59 12.28 20.49
N GLY B 550 -3.61 13.10 21.53
CA GLY B 550 -4.44 12.86 22.66
C GLY B 550 -5.21 14.05 23.13
N GLY B 551 -6.07 13.79 24.11
CA GLY B 551 -6.72 14.86 24.85
C GLY B 551 -7.88 15.54 24.17
N THR B 552 -8.33 15.03 23.01
CA THR B 552 -9.46 15.63 22.22
C THR B 552 -10.84 15.38 22.95
N HIS B 553 -10.94 14.36 23.78
CA HIS B 553 -12.14 14.10 24.53
C HIS B 553 -11.80 13.54 25.90
N ARG B 554 -11.11 14.35 26.67
CA ARG B 554 -10.24 13.80 27.68
C ARG B 554 -10.95 13.36 28.97
N MET B 555 -10.29 12.46 29.72
CA MET B 555 -10.80 11.87 30.92
C MET B 555 -10.44 12.72 32.14
N GLY B 556 -11.30 12.66 33.16
CA GLY B 556 -10.95 13.23 34.44
C GLY B 556 -11.97 12.90 35.47
N PHE B 557 -11.73 13.33 36.71
CA PHE B 557 -12.65 13.03 37.79
C PHE B 557 -13.90 13.88 37.73
N ASP B 558 -13.71 15.15 37.40
CA ASP B 558 -14.74 16.13 37.56
C ASP B 558 -14.73 17.02 36.33
N GLU B 559 -15.87 17.00 35.62
CA GLU B 559 -15.99 17.65 34.35
C GLU B 559 -15.48 19.08 34.38
N LYS B 560 -15.88 19.82 35.38
CA LYS B 560 -15.38 21.19 35.55
C LYS B 560 -13.94 21.38 36.07
N GLU B 561 -13.65 20.79 37.22
CA GLU B 561 -12.31 21.03 37.87
C GLU B 561 -11.16 20.47 37.06
N ASP B 562 -11.42 19.40 36.33
CA ASP B 562 -10.38 18.76 35.55
C ASP B 562 -10.48 19.11 34.04
N ASN B 563 -11.40 20.01 33.69
CA ASN B 563 -11.60 20.37 32.28
C ASN B 563 -11.65 19.20 31.35
N CYS B 564 -12.65 18.35 31.53
CA CYS B 564 -12.68 17.09 30.77
C CYS B 564 -14.05 16.75 30.25
N CYS B 565 -14.14 15.59 29.61
CA CYS B 565 -15.29 15.07 28.85
C CYS B 565 -15.82 13.69 29.27
N VAL B 566 -14.94 12.79 29.71
CA VAL B 566 -15.29 11.49 30.20
C VAL B 566 -14.72 11.26 31.62
N ASN B 567 -15.41 10.45 32.39
CA ASN B 567 -14.98 10.10 33.72
C ASN B 567 -14.04 8.89 33.61
N THR B 568 -13.59 8.31 34.74
CA THR B 568 -12.66 7.16 34.68
C THR B 568 -13.30 5.84 34.20
N ASP B 569 -14.62 5.80 34.03
CA ASP B 569 -15.25 4.69 33.31
C ASP B 569 -15.34 4.92 31.77
N SER B 570 -14.76 6.05 31.32
CA SER B 570 -14.80 6.49 29.93
C SER B 570 -16.23 6.82 29.51
N ARG B 571 -17.05 7.11 30.52
CA ARG B 571 -18.46 7.51 30.28
C ARG B 571 -18.57 9.02 30.07
N VAL B 572 -19.34 9.45 29.09
CA VAL B 572 -19.42 10.91 28.90
C VAL B 572 -20.30 11.41 30.03
N PHE B 573 -19.83 12.40 30.75
CA PHE B 573 -20.53 13.01 31.89
C PHE B 573 -21.97 13.30 31.62
N GLY B 574 -22.84 12.76 32.48
CA GLY B 574 -24.29 12.95 32.40
C GLY B 574 -25.00 11.91 31.57
N PHE B 575 -24.29 11.22 30.70
CA PHE B 575 -24.95 10.25 29.86
C PHE B 575 -24.86 8.86 30.46
N LYS B 576 -26.00 8.24 30.62
CA LYS B 576 -26.06 6.87 31.08
C LYS B 576 -25.32 5.85 30.19
N ASN B 577 -25.38 6.05 28.86
CA ASN B 577 -25.08 4.95 27.93
C ASN B 577 -24.14 5.26 26.75
N LEU B 578 -23.28 6.26 26.94
CA LEU B 578 -22.33 6.67 25.93
C LEU B 578 -20.93 6.66 26.54
N PHE B 579 -20.05 5.90 25.88
CA PHE B 579 -18.67 5.72 26.28
C PHE B 579 -17.79 6.04 25.10
N LEU B 580 -16.67 6.71 25.39
CA LEU B 580 -15.65 6.98 24.39
C LEU B 580 -14.38 6.18 24.70
N GLY B 581 -13.81 5.59 23.67
CA GLY B 581 -12.52 4.96 23.79
C GLY B 581 -11.50 5.46 22.80
N GLY B 582 -10.25 5.42 23.23
CA GLY B 582 -9.13 5.78 22.40
C GLY B 582 -8.26 6.77 23.11
N CYS B 583 -7.21 7.22 22.37
CA CYS B 583 -6.16 8.06 22.88
C CYS B 583 -6.66 9.46 23.18
N GLY B 584 -7.75 9.86 22.55
CA GLY B 584 -8.50 11.10 22.89
C GLY B 584 -8.91 11.18 24.36
N ASN B 585 -9.09 10.00 25.02
CA ASN B 585 -9.34 9.99 26.47
C ASN B 585 -8.15 10.51 27.33
N ILE B 586 -6.91 10.39 26.83
CA ILE B 586 -5.75 10.59 27.69
C ILE B 586 -5.51 12.07 27.88
N PRO B 587 -5.52 12.53 29.13
CA PRO B 587 -5.50 13.92 29.47
C PRO B 587 -4.15 14.45 29.90
N THR B 588 -3.18 13.55 30.00
CA THR B 588 -1.85 13.91 30.51
C THR B 588 -0.86 14.25 29.33
N ALA B 589 0.25 14.86 29.76
CA ALA B 589 1.45 14.99 28.95
C ALA B 589 2.22 13.64 28.92
N TYR B 590 2.23 13.00 27.77
CA TYR B 590 2.91 11.71 27.61
C TYR B 590 3.84 11.66 26.38
N GLY B 591 4.96 10.95 26.57
CA GLY B 591 5.85 10.64 25.46
C GLY B 591 5.78 9.24 24.94
N ALA B 592 5.47 8.23 25.78
CA ALA B 592 5.33 6.81 25.33
C ALA B 592 4.19 6.58 24.33
N ASN B 593 4.23 5.48 23.60
CA ASN B 593 3.19 5.19 22.61
C ASN B 593 1.89 4.94 23.38
N PRO B 594 0.82 5.60 22.98
CA PRO B 594 -0.41 5.66 23.83
C PRO B 594 -1.40 4.49 23.78
N THR B 595 -1.29 3.65 22.76
CA THR B 595 -2.35 2.62 22.50
C THR B 595 -2.55 1.67 23.66
N LEU B 596 -1.50 1.21 24.37
CA LEU B 596 -1.74 0.22 25.45
C LEU B 596 -2.50 0.85 26.57
N THR B 597 -2.21 2.12 26.81
CA THR B 597 -2.92 2.88 27.85
C THR B 597 -4.38 3.05 27.52
N ALA B 598 -4.65 3.41 26.25
CA ALA B 598 -5.99 3.58 25.74
C ALA B 598 -6.76 2.28 25.88
N MET B 599 -6.12 1.17 25.57
CA MET B 599 -6.74 -0.13 25.72
C MET B 599 -7.05 -0.44 27.18
N SER B 600 -6.09 -0.22 28.07
CA SER B 600 -6.33 -0.40 29.51
C SER B 600 -7.55 0.40 30.02
N LEU B 601 -7.72 1.60 29.51
CA LEU B 601 -8.86 2.39 29.93
C LEU B 601 -10.11 1.70 29.41
N ALA B 602 -10.03 1.25 28.16
CA ALA B 602 -11.24 0.58 27.58
C ALA B 602 -11.65 -0.63 28.41
N ILE B 603 -10.66 -1.32 28.93
CA ILE B 603 -10.91 -2.48 29.75
C ILE B 603 -11.67 -2.05 30.99
N LYS B 604 -11.28 -0.93 31.58
CA LYS B 604 -11.99 -0.38 32.75
C LYS B 604 -13.43 0.01 32.37
N SER B 605 -13.56 0.61 31.18
CA SER B 605 -14.87 1.06 30.71
C SER B 605 -15.87 -0.14 30.54
N CYS B 606 -15.40 -1.22 29.93
CA CYS B 606 -16.15 -2.43 29.76
C CYS B 606 -16.60 -3.01 31.09
N GLU B 607 -15.76 -2.88 32.14
CA GLU B 607 -16.18 -3.35 33.50
C GLU B 607 -17.43 -2.57 33.97
N TYR B 608 -17.45 -1.28 33.68
CA TYR B 608 -18.57 -0.44 34.06
C TYR B 608 -19.80 -0.96 33.30
N ILE B 609 -19.59 -1.24 32.01
CA ILE B 609 -20.73 -1.68 31.17
C ILE B 609 -21.38 -3.00 31.72
N LYS B 610 -20.52 -3.96 32.08
CA LYS B 610 -21.03 -5.25 32.46
C LYS B 610 -21.73 -5.15 33.79
N GLN B 611 -21.39 -4.09 34.53
CA GLN B 611 -22.02 -3.77 35.82
C GLN B 611 -23.28 -2.97 35.67
N ASN B 612 -23.58 -2.46 34.50
CA ASN B 612 -24.76 -1.61 34.40
C ASN B 612 -25.71 -1.82 33.23
N PHE B 613 -25.52 -2.91 32.50
CA PHE B 613 -26.38 -3.28 31.39
C PHE B 613 -26.45 -4.81 31.38
N THR B 614 -27.66 -5.31 31.27
CA THR B 614 -27.87 -6.75 31.16
C THR B 614 -27.84 -7.05 29.69
N PRO B 615 -27.08 -8.06 29.24
CA PRO B 615 -27.24 -8.56 27.87
C PRO B 615 -28.65 -9.15 27.60
N SER B 616 -29.15 -9.03 26.37
CA SER B 616 -30.52 -9.38 26.04
C SER B 616 -30.59 -10.89 26.05
N PRO B 617 -31.78 -11.44 26.19
CA PRO B 617 -31.85 -12.88 26.02
C PRO B 617 -31.36 -13.27 24.60
N PHE B 618 -30.55 -14.32 24.54
CA PHE B 618 -29.97 -14.88 23.29
C PHE B 618 -30.98 -15.25 22.19
PA FDA C . 0.49 -11.59 -12.76
O1A FDA C . 1.87 -11.00 -12.54
O2A FDA C . -0.76 -10.74 -12.50
O5B FDA C . 0.16 -12.77 -11.70
C5B FDA C . 1.20 -13.77 -11.54
C4B FDA C . 1.14 -14.38 -10.18
O4B FDA C . 1.74 -15.65 -9.94
C3B FDA C . 1.03 -13.59 -8.92
O3B FDA C . -0.15 -13.51 -8.26
C2B FDA C . 2.18 -14.17 -8.15
O2B FDA C . 2.24 -14.00 -6.79
C1B FDA C . 2.55 -15.47 -8.79
N9A FDA C . 3.80 -16.25 -8.74
C8A FDA C . 4.95 -15.89 -9.32
N7A FDA C . 5.82 -16.91 -9.13
C5A FDA C . 5.21 -17.91 -8.48
C6A FDA C . 5.70 -19.11 -8.02
N6A FDA C . 6.99 -19.49 -8.26
N1A FDA C . 4.76 -19.87 -7.32
C2A FDA C . 3.47 -19.45 -7.10
N3A FDA C . 3.04 -18.22 -7.55
C4A FDA C . 3.89 -17.49 -8.21
N1 FDA C . -1.66 -4.33 -18.21
C2 FDA C . -2.70 -4.02 -19.03
O2 FDA C . -2.80 -4.65 -20.09
N3 FDA C . -3.27 -2.81 -18.97
C4 FDA C . -2.97 -1.86 -18.06
O4 FDA C . -3.86 -1.00 -17.80
C4X FDA C . -2.15 -2.30 -16.89
N5 FDA C . -1.74 -1.39 -15.98
C5X FDA C . -0.71 -1.68 -15.14
C6 FDA C . -0.29 -0.79 -14.12
C7 FDA C . 0.62 -1.19 -13.12
C7M FDA C . 0.86 -0.21 -12.02
C8 FDA C . 0.98 -2.53 -12.99
C8M FDA C . 1.54 -3.12 -11.70
C9 FDA C . 0.51 -3.42 -13.98
C9A FDA C . -0.25 -3.00 -15.09
N10 FDA C . -0.47 -3.82 -16.20
C10 FDA C . -1.40 -3.47 -17.12
C1' FDA C . 0.13 -5.21 -16.30
C2' FDA C . -0.78 -6.32 -15.89
O2' FDA C . -1.21 -6.03 -14.57
C3' FDA C . -0.13 -7.68 -16.17
O3' FDA C . 0.23 -7.75 -17.54
C4' FDA C . -1.07 -8.85 -15.81
O4' FDA C . -1.49 -8.86 -14.44
C5' FDA C . -0.34 -10.15 -16.17
O5' FDA C . -1.09 -11.23 -15.69
P FDA C . -0.51 -12.69 -15.34
O1P FDA C . -1.62 -13.35 -14.77
O2P FDA C . 0.36 -13.19 -16.48
O3P FDA C . 0.66 -12.35 -14.20
C1 G3F D . 1.53 -0.04 -17.50
O1 G3F D . 1.79 -1.35 -17.02
C2 G3F D . 0.03 0.05 -17.82
O2 G3F D . -0.30 -0.89 -18.85
C3 G3F D . -0.32 1.47 -18.15
F3 G3F D . -1.66 1.66 -18.20
C4 G3F D . 0.13 2.37 -16.98
O4 G3F D . -0.29 3.70 -17.26
C5 G3F D . 1.62 2.23 -16.63
O5 G3F D . 1.93 0.85 -16.46
C6 G3F D . 2.06 3.02 -15.38
O6 G3F D . 3.51 3.20 -15.43
PA FDA E . -8.01 3.69 15.04
O1A FDA E . -7.84 5.03 14.47
O2A FDA E . -6.98 2.61 14.83
O5B FDA E . -9.34 3.06 14.47
C5B FDA E . -10.43 3.93 14.35
C4B FDA E . -11.40 3.48 13.26
O4B FDA E . -12.68 4.06 13.31
C3B FDA E . -11.02 3.05 11.90
O3B FDA E . -10.87 1.71 11.53
C2B FDA E . -11.85 3.94 11.01
O2B FDA E . -12.06 3.57 9.68
C1B FDA E . -12.90 4.50 11.92
N9A FDA E . -13.79 5.59 11.75
C8A FDA E . -13.44 6.79 11.83
N7A FDA E . -14.54 7.52 11.70
C5A FDA E . -15.61 6.69 11.61
C6A FDA E . -16.94 6.96 11.44
N6A FDA E . -17.41 8.21 11.38
N1A FDA E . -17.74 5.88 11.30
C2A FDA E . -17.30 4.56 11.34
N3A FDA E . -15.95 4.32 11.54
C4A FDA E . -15.11 5.39 11.64
N1 FDA E . 0.72 3.43 18.56
C2 FDA E . 1.25 2.59 19.50
O2 FDA E . 0.70 2.60 20.63
N3 FDA E . 2.47 1.99 19.27
C4 FDA E . 3.12 1.95 18.06
O4 FDA E . 4.06 1.20 17.68
C4X FDA E . 2.36 2.77 17.01
N5 FDA E . 2.77 2.70 15.74
C5X FDA E . 2.16 3.44 14.79
C6 FDA E . 2.81 3.56 13.55
C7 FDA E . 2.07 4.12 12.50
C7M FDA E . 2.83 4.32 11.19
C8 FDA E . 0.69 4.37 12.61
C8M FDA E . -0.30 4.67 11.41
C9 FDA E . 0.20 4.44 13.92
C9A FDA E . 0.83 3.75 14.94
N10 FDA E . 0.36 3.88 16.27
C10 FDA E . 1.09 3.28 17.27
C1' FDA E . -0.94 4.48 16.59
C2' FDA E . -2.01 3.37 16.76
O2' FDA E . -2.16 2.48 15.62
C3' FDA E . -3.29 4.02 17.26
O3' FDA E . -3.14 4.66 18.51
C4' FDA E . -4.38 3.02 17.48
O4' FDA E . -4.62 2.32 16.29
C5' FDA E . -5.66 3.78 17.86
O5' FDA E . -6.68 2.80 18.01
P FDA E . -8.29 3.24 17.92
O1P FDA E . -8.97 1.90 17.86
O2P FDA E . -8.68 4.39 18.93
O3P FDA E . -8.49 3.99 16.54
C1 G3F F . 4.25 6.34 15.91
O1 G3F F . 2.80 6.34 15.80
C2 G3F F . 4.68 5.06 16.61
O2 G3F F . 4.11 4.99 17.92
C3 G3F F . 6.15 4.75 16.65
F3 G3F F . 6.34 3.45 16.99
C4 G3F F . 6.68 4.83 15.21
O4 G3F F . 8.11 4.57 15.33
C5 G3F F . 6.25 6.15 14.55
O5 G3F F . 4.84 6.49 14.59
C6 G3F F . 6.48 6.19 13.06
O6 G3F F . 6.28 7.54 12.66
#